data_3F90
#
_entry.id   3F90
#
_cell.length_a   94.893
_cell.length_b   94.893
_cell.length_c   238.090
_cell.angle_alpha   90.00
_cell.angle_beta   90.00
_cell.angle_gamma   120.00
#
_symmetry.space_group_name_H-M   'P 31 2 1'
#
loop_
_entity.id
_entity.type
_entity.pdbx_description
1 polymer Flavodoxin
2 non-polymer 'FLAVIN MONONUCLEOTIDE'
3 water water
#
_entity_poly.entity_id   1
_entity_poly.type   'polypeptide(L)'
_entity_poly.pdbx_seq_one_letter_code
;MSKVLIVFGSSTGNTESIAQKLEELIAAGGHEVTLLNAADASAENLADGYDAVLFGCSAWGMEDLEMQDDFLSLFEEFDR
IGLAGRKVAAFASGDQEYEHFCGAVPAIEERAKELGATIIAEGLKMEGDASNDPEAVASFAEDVLKQL
;
_entity_poly.pdbx_strand_id   A,B,D,E,F,H,I,G
#
loop_
_chem_comp.id
_chem_comp.type
_chem_comp.name
_chem_comp.formula
FMN non-polymer 'FLAVIN MONONUCLEOTIDE' 'C17 H21 N4 O9 P'
#
# COMPACT_ATOMS: atom_id res chain seq x y z
N SER A 2 7.98 10.46 3.41
CA SER A 2 8.93 9.88 4.35
C SER A 2 10.24 9.51 3.66
N LYS A 3 11.34 9.67 4.39
CA LYS A 3 12.66 9.32 3.87
C LYS A 3 13.10 7.93 4.34
N VAL A 4 13.35 7.05 3.37
CA VAL A 4 13.77 5.69 3.67
C VAL A 4 15.17 5.40 3.14
N LEU A 5 16.00 4.80 3.99
CA LEU A 5 17.29 4.28 3.56
C LEU A 5 17.23 2.76 3.44
N ILE A 6 17.61 2.23 2.28
CA ILE A 6 17.74 0.78 2.14
C ILE A 6 19.22 0.43 1.97
N VAL A 7 19.83 -0.04 3.05
CA VAL A 7 21.23 -0.46 3.03
C VAL A 7 21.27 -1.97 2.90
N PHE A 8 22.13 -2.47 2.03
CA PHE A 8 22.13 -3.88 1.76
C PHE A 8 23.53 -4.45 1.58
N GLY A 9 23.68 -5.73 1.88
CA GLY A 9 24.88 -6.46 1.56
C GLY A 9 24.50 -7.61 0.65
N SER A 10 25.10 -7.65 -0.53
CA SER A 10 24.81 -8.69 -1.51
C SER A 10 26.09 -9.18 -2.18
N SER A 11 26.33 -10.49 -2.17
CA SER A 11 27.55 -11.05 -2.75
C SER A 11 27.34 -11.72 -4.11
N THR A 12 26.10 -12.09 -4.41
CA THR A 12 25.76 -12.53 -5.76
C THR A 12 24.55 -11.76 -6.35
N GLY A 13 24.09 -10.75 -5.64
CA GLY A 13 23.12 -9.82 -6.22
C GLY A 13 21.66 -10.01 -5.89
N ASN A 14 21.30 -11.10 -5.22
CA ASN A 14 19.90 -11.36 -4.91
C ASN A 14 19.31 -10.37 -3.90
N THR A 15 19.99 -10.18 -2.78
CA THR A 15 19.57 -9.20 -1.79
C THR A 15 19.62 -7.79 -2.36
N GLU A 16 20.63 -7.53 -3.20
CA GLU A 16 20.70 -6.26 -3.93
C GLU A 16 19.48 -6.10 -4.82
N SER A 17 19.05 -7.21 -5.39
CA SER A 17 17.88 -7.24 -6.25
C SER A 17 16.60 -6.92 -5.47
N ILE A 18 16.43 -7.56 -4.31
CA ILE A 18 15.28 -7.30 -3.45
C ILE A 18 15.25 -5.83 -3.02
N ALA A 19 16.43 -5.26 -2.81
CA ALA A 19 16.55 -3.87 -2.38
C ALA A 19 16.11 -2.91 -3.49
N GLN A 20 16.48 -3.21 -4.74
CA GLN A 20 16.05 -2.38 -5.86
C GLN A 20 14.52 -2.35 -5.91
N LYS A 21 13.92 -3.54 -5.97
CA LYS A 21 12.47 -3.70 -5.98
C LYS A 21 11.76 -2.93 -4.86
N LEU A 22 12.22 -3.10 -3.63
CA LEU A 22 11.64 -2.42 -2.48
C LEU A 22 11.65 -0.91 -2.71
N GLU A 23 12.81 -0.37 -3.07
CA GLU A 23 12.86 1.05 -3.44
C GLU A 23 11.77 1.38 -4.44
N GLU A 24 11.67 0.58 -5.50
CA GLU A 24 10.66 0.81 -6.52
C GLU A 24 9.28 0.85 -5.88
N LEU A 25 8.91 -0.22 -5.19
CA LEU A 25 7.60 -0.34 -4.58
C LEU A 25 7.31 0.79 -3.60
N ILE A 26 8.33 1.20 -2.85
CA ILE A 26 8.18 2.21 -1.80
C ILE A 26 8.17 3.64 -2.33
N ALA A 27 8.88 3.87 -3.43
CA ALA A 27 8.84 5.16 -4.11
C ALA A 27 7.50 5.35 -4.80
N ALA A 28 6.88 4.23 -5.19
CA ALA A 28 5.55 4.25 -5.78
C ALA A 28 4.51 4.53 -4.71
N GLY A 29 4.95 4.47 -3.45
CA GLY A 29 4.10 4.84 -2.34
C GLY A 29 4.21 6.33 -2.09
N GLY A 30 5.09 6.99 -2.83
CA GLY A 30 5.25 8.43 -2.74
C GLY A 30 6.39 8.88 -1.85
N HIS A 31 7.32 7.98 -1.56
CA HIS A 31 8.41 8.28 -0.62
C HIS A 31 9.76 8.53 -1.29
N GLU A 32 10.63 9.23 -0.57
CA GLU A 32 12.00 9.43 -1.02
C GLU A 32 12.84 8.30 -0.47
N VAL A 33 13.45 7.54 -1.37
CA VAL A 33 14.27 6.40 -0.97
C VAL A 33 15.72 6.61 -1.38
N THR A 34 16.63 6.10 -0.55
CA THR A 34 18.03 6.08 -0.91
C THR A 34 18.55 4.66 -0.81
N LEU A 35 19.08 4.16 -1.92
CA LEU A 35 19.66 2.83 -1.98
C LEU A 35 21.15 2.91 -1.64
N LEU A 36 21.61 2.07 -0.71
CA LEU A 36 23.01 2.12 -0.28
C LEU A 36 23.64 0.73 -0.20
N ASN A 37 24.73 0.55 -0.92
CA ASN A 37 25.49 -0.66 -0.78
C ASN A 37 26.29 -0.62 0.50
N ALA A 38 26.19 -1.67 1.31
CA ALA A 38 26.89 -1.75 2.59
C ALA A 38 28.40 -1.69 2.42
N ALA A 39 28.88 -2.09 1.25
CA ALA A 39 30.30 -2.01 0.94
C ALA A 39 30.73 -0.55 0.77
N ASP A 40 29.75 0.33 0.59
CA ASP A 40 30.00 1.76 0.40
C ASP A 40 29.52 2.59 1.59
N ALA A 41 29.12 1.92 2.67
CA ALA A 41 28.48 2.60 3.79
C ALA A 41 29.45 2.96 4.91
N SER A 42 29.20 4.11 5.52
CA SER A 42 29.93 4.53 6.72
C SER A 42 28.95 4.60 7.88
N ALA A 43 29.08 3.66 8.81
CA ALA A 43 28.17 3.56 9.94
C ALA A 43 27.91 4.91 10.62
N GLU A 44 28.98 5.63 10.91
CA GLU A 44 28.89 6.86 11.70
C GLU A 44 27.79 7.81 11.22
N ASN A 45 26.72 7.91 12.02
CA ASN A 45 25.59 8.78 11.71
C ASN A 45 24.81 8.40 10.45
N LEU A 46 24.93 7.13 10.03
CA LEU A 46 24.32 6.67 8.78
C LEU A 46 22.81 6.98 8.65
N ALA A 47 22.09 6.98 9.77
CA ALA A 47 20.64 7.11 9.74
C ALA A 47 20.14 8.55 9.79
N ASP A 48 21.06 9.50 10.01
CA ASP A 48 20.69 10.91 10.14
C ASP A 48 19.83 11.40 8.99
N GLY A 49 18.66 11.95 9.32
CA GLY A 49 17.78 12.50 8.32
C GLY A 49 16.79 11.49 7.74
N TYR A 50 16.86 10.25 8.22
CA TYR A 50 16.00 9.19 7.69
C TYR A 50 14.86 8.84 8.63
N ASP A 51 13.66 8.70 8.06
CA ASP A 51 12.49 8.36 8.84
C ASP A 51 12.55 6.89 9.24
N ALA A 52 13.08 6.07 8.33
CA ALA A 52 13.21 4.64 8.55
C ALA A 52 14.44 4.08 7.82
N VAL A 53 14.97 2.96 8.32
CA VAL A 53 16.12 2.30 7.68
C VAL A 53 15.85 0.82 7.45
N LEU A 54 15.94 0.39 6.20
CA LEU A 54 15.80 -1.02 5.87
C LEU A 54 17.17 -1.67 5.68
N PHE A 55 17.43 -2.75 6.42
CA PHE A 55 18.70 -3.45 6.36
C PHE A 55 18.55 -4.76 5.60
N GLY A 56 19.41 -4.96 4.59
CA GLY A 56 19.41 -6.18 3.83
C GLY A 56 20.73 -6.92 3.97
N CYS A 57 20.65 -8.18 4.40
CA CYS A 57 21.85 -8.98 4.60
C CYS A 57 21.62 -10.44 4.24
N SER A 58 22.26 -10.90 3.17
CA SER A 58 22.14 -12.30 2.76
C SER A 58 22.91 -13.21 3.71
N ALA A 59 22.56 -14.48 3.72
CA ALA A 59 23.13 -15.41 4.68
C ALA A 59 24.28 -16.22 4.10
N TRP A 60 25.35 -16.39 4.88
CA TRP A 60 26.52 -17.14 4.44
C TRP A 60 27.09 -17.94 5.60
N GLY A 61 26.73 -19.21 5.63
CA GLY A 61 26.94 -20.03 6.80
C GLY A 61 28.39 -20.27 7.14
N MET A 62 29.21 -20.47 6.12
CA MET A 62 30.60 -20.89 6.33
C MET A 62 31.49 -19.73 6.79
N GLU A 63 32.72 -19.75 6.31
CA GLU A 63 33.82 -18.88 6.73
C GLU A 63 33.40 -17.56 7.36
N ASP A 64 32.24 -17.05 6.95
CA ASP A 64 32.01 -15.63 7.05
C ASP A 64 31.28 -15.12 8.29
N LEU A 65 31.55 -15.75 9.42
CA LEU A 65 31.11 -15.23 10.71
C LEU A 65 29.65 -14.88 10.65
N GLU A 66 28.88 -15.70 9.94
CA GLU A 66 27.47 -15.69 10.18
C GLU A 66 26.65 -14.70 9.37
N MET A 67 27.29 -13.95 8.46
CA MET A 67 26.68 -12.82 7.72
C MET A 67 27.42 -12.55 6.39
N GLN A 68 26.87 -11.65 5.55
CA GLN A 68 27.52 -11.24 4.33
C GLN A 68 28.63 -10.24 4.66
N ASP A 69 29.77 -10.43 4.00
CA ASP A 69 30.96 -9.58 4.09
C ASP A 69 30.69 -8.16 4.55
N ASP A 70 30.24 -7.34 3.59
CA ASP A 70 30.15 -5.92 3.76
C ASP A 70 29.13 -5.54 4.83
N PHE A 71 28.16 -6.40 5.08
CA PHE A 71 27.16 -6.09 6.09
C PHE A 71 27.73 -6.30 7.49
N LEU A 72 28.59 -7.31 7.61
CA LEU A 72 29.20 -7.65 8.88
C LEU A 72 30.01 -6.50 9.47
N SER A 73 30.74 -5.79 8.61
CA SER A 73 31.50 -4.62 9.03
C SER A 73 30.55 -3.51 9.46
N LEU A 74 29.40 -3.42 8.80
CA LEU A 74 28.40 -2.42 9.15
C LEU A 74 27.72 -2.79 10.47
N PHE A 75 27.05 -3.94 10.46
CA PHE A 75 26.37 -4.46 11.65
C PHE A 75 27.18 -4.23 12.93
N GLU A 76 28.46 -4.63 12.89
CA GLU A 76 29.37 -4.50 14.03
C GLU A 76 29.46 -3.09 14.59
N GLU A 77 29.03 -2.11 13.80
CA GLU A 77 29.04 -0.73 14.25
C GLU A 77 27.63 -0.13 14.31
N PHE A 78 26.64 -1.00 14.53
CA PHE A 78 25.25 -0.56 14.59
C PHE A 78 25.03 0.62 15.55
N ASP A 79 25.67 0.57 16.70
CA ASP A 79 25.44 1.59 17.72
C ASP A 79 25.99 2.97 17.35
N ARG A 80 26.66 3.05 16.19
CA ARG A 80 27.15 4.33 15.69
C ARG A 80 26.19 4.88 14.64
N ILE A 81 25.17 4.10 14.29
CA ILE A 81 24.32 4.44 13.16
C ILE A 81 23.24 5.48 13.49
N GLY A 82 22.86 5.58 14.76
CA GLY A 82 21.84 6.52 15.18
C GLY A 82 20.43 5.99 15.03
N LEU A 83 20.25 4.71 15.36
CA LEU A 83 18.98 4.03 15.16
C LEU A 83 17.93 4.34 16.21
N ALA A 84 18.37 4.94 17.32
CA ALA A 84 17.46 5.24 18.43
C ALA A 84 16.25 6.04 17.97
N GLY A 85 15.08 5.46 18.13
CA GLY A 85 13.84 6.14 17.76
C GLY A 85 13.60 6.25 16.26
N ARG A 86 14.20 5.33 15.51
CA ARG A 86 13.98 5.28 14.07
C ARG A 86 13.30 3.98 13.67
N LYS A 87 12.50 4.06 12.61
CA LYS A 87 11.78 2.89 12.12
C LYS A 87 12.76 1.99 11.40
N VAL A 88 12.71 0.70 11.69
CA VAL A 88 13.66 -0.25 11.12
C VAL A 88 12.99 -1.56 10.76
N ALA A 89 13.48 -2.18 9.70
CA ALA A 89 13.07 -3.53 9.34
C ALA A 89 14.24 -4.20 8.64
N ALA A 90 14.16 -5.53 8.52
CA ALA A 90 15.23 -6.30 7.92
C ALA A 90 14.71 -7.23 6.83
N PHE A 91 15.53 -7.48 5.81
CA PHE A 91 15.21 -8.44 4.76
C PHE A 91 16.47 -9.17 4.32
N ALA A 92 16.30 -10.34 3.70
CA ALA A 92 17.46 -11.12 3.27
C ALA A 92 17.09 -12.16 2.23
N SER A 93 18.09 -12.53 1.42
CA SER A 93 17.97 -13.68 0.53
C SER A 93 18.88 -14.80 1.04
N GLY A 94 18.41 -16.03 0.90
CA GLY A 94 19.15 -17.17 1.42
C GLY A 94 18.66 -18.45 0.78
N ASP A 95 19.00 -19.57 1.42
CA ASP A 95 18.60 -20.87 0.93
C ASP A 95 18.06 -21.73 2.07
N GLN A 96 16.88 -22.31 1.86
CA GLN A 96 16.23 -23.17 2.85
C GLN A 96 17.05 -24.44 3.09
N GLU A 97 17.79 -24.87 2.08
CA GLU A 97 18.53 -26.11 2.17
C GLU A 97 19.68 -26.06 3.17
N TYR A 98 19.84 -24.93 3.84
CA TYR A 98 20.84 -24.79 4.90
C TYR A 98 20.18 -24.84 6.26
N GLU A 99 20.94 -25.16 7.30
CA GLU A 99 20.36 -25.32 8.62
C GLU A 99 19.80 -24.01 9.16
N HIS A 100 20.42 -22.90 8.80
CA HIS A 100 20.02 -21.61 9.35
C HIS A 100 19.63 -20.61 8.25
N PHE A 101 18.34 -20.58 7.94
CA PHE A 101 17.79 -19.76 6.86
C PHE A 101 17.65 -18.28 7.25
N CYS A 102 18.47 -17.44 6.61
CA CYS A 102 18.45 -16.00 6.81
C CYS A 102 18.55 -15.58 8.28
N GLY A 103 19.55 -16.09 8.98
CA GLY A 103 19.73 -15.82 10.39
C GLY A 103 20.10 -14.40 10.77
N ALA A 104 20.49 -13.61 9.77
CA ALA A 104 20.84 -12.22 10.01
C ALA A 104 19.61 -11.33 10.17
N VAL A 105 18.44 -11.82 9.74
CA VAL A 105 17.20 -11.06 9.87
C VAL A 105 16.85 -10.86 11.35
N PRO A 106 16.71 -11.96 12.11
CA PRO A 106 16.45 -11.83 13.54
C PRO A 106 17.51 -10.99 14.26
N ALA A 107 18.78 -11.22 13.96
CA ALA A 107 19.89 -10.51 14.62
C ALA A 107 19.78 -9.00 14.46
N ILE A 108 19.54 -8.54 13.24
CA ILE A 108 19.43 -7.11 12.96
C ILE A 108 18.28 -6.50 13.75
N GLU A 109 17.14 -7.18 13.74
CA GLU A 109 15.96 -6.75 14.49
C GLU A 109 16.27 -6.68 15.98
N GLU A 110 16.98 -7.71 16.47
CA GLU A 110 17.37 -7.79 17.86
C GLU A 110 18.24 -6.61 18.27
N ARG A 111 19.29 -6.35 17.48
CA ARG A 111 20.23 -5.29 17.80
C ARG A 111 19.60 -3.91 17.70
N ALA A 112 18.99 -3.63 16.55
CA ALA A 112 18.35 -2.34 16.34
C ALA A 112 17.38 -2.05 17.47
N LYS A 113 16.62 -3.05 17.86
CA LYS A 113 15.64 -2.92 18.93
C LYS A 113 16.35 -2.55 20.23
N GLU A 114 17.48 -3.21 20.49
CA GLU A 114 18.29 -2.95 21.68
C GLU A 114 18.81 -1.51 21.70
N LEU A 115 18.90 -0.89 20.53
CA LEU A 115 19.48 0.45 20.42
C LEU A 115 18.41 1.55 20.35
N GLY A 116 17.17 1.20 20.68
CA GLY A 116 16.09 2.18 20.70
C GLY A 116 15.27 2.27 19.42
N ALA A 117 15.53 1.37 18.48
CA ALA A 117 14.80 1.38 17.21
C ALA A 117 13.47 0.62 17.29
N THR A 118 12.51 1.03 16.47
CA THR A 118 11.19 0.42 16.45
C THR A 118 11.01 -0.41 15.19
N ILE A 119 10.84 -1.73 15.33
CA ILE A 119 10.64 -2.61 14.20
C ILE A 119 9.24 -2.37 13.62
N ILE A 120 9.18 -2.02 12.35
CA ILE A 120 7.91 -1.63 11.74
C ILE A 120 7.32 -2.70 10.84
N ALA A 121 8.15 -3.65 10.42
CA ALA A 121 7.68 -4.74 9.58
C ALA A 121 8.33 -6.04 10.01
N GLU A 122 7.67 -7.15 9.71
CA GLU A 122 8.24 -8.46 10.00
C GLU A 122 9.36 -8.77 8.99
N GLY A 123 10.44 -9.36 9.49
CA GLY A 123 11.60 -9.62 8.68
C GLY A 123 11.29 -10.38 7.40
N LEU A 124 11.86 -9.91 6.29
CA LEU A 124 11.70 -10.62 5.03
C LEU A 124 12.76 -11.73 4.90
N LYS A 125 12.30 -12.97 4.90
CA LYS A 125 13.15 -14.11 4.62
C LYS A 125 12.64 -14.81 3.38
N MET A 126 13.43 -14.78 2.30
CA MET A 126 13.06 -15.42 1.05
C MET A 126 14.29 -15.96 0.37
N GLU A 127 14.08 -16.69 -0.72
CA GLU A 127 15.18 -17.17 -1.55
C GLU A 127 15.25 -16.41 -2.88
N GLY A 128 16.37 -16.56 -3.59
CA GLY A 128 16.49 -16.01 -4.92
C GLY A 128 16.42 -14.50 -4.98
N ASP A 129 16.15 -13.97 -6.17
CA ASP A 129 16.03 -12.51 -6.31
C ASP A 129 14.58 -12.05 -6.22
N ALA A 130 14.38 -10.75 -6.36
CA ALA A 130 13.08 -10.14 -6.20
C ALA A 130 12.07 -10.77 -7.15
N SER A 131 12.55 -11.17 -8.33
CA SER A 131 11.68 -11.76 -9.36
C SER A 131 11.34 -13.21 -9.03
N ASN A 132 12.06 -13.77 -8.07
CA ASN A 132 11.81 -15.14 -7.65
C ASN A 132 10.63 -15.23 -6.68
N ASP A 133 10.34 -14.13 -6.02
CA ASP A 133 9.27 -14.13 -5.04
C ASP A 133 8.68 -12.73 -4.90
N PRO A 134 8.01 -12.25 -5.96
CA PRO A 134 7.43 -10.90 -5.94
C PRO A 134 6.45 -10.72 -4.80
N GLU A 135 5.74 -11.79 -4.45
CA GLU A 135 4.70 -11.72 -3.43
C GLU A 135 5.28 -11.46 -2.04
N ALA A 136 6.32 -12.22 -1.67
CA ALA A 136 6.99 -12.02 -0.39
C ALA A 136 7.61 -10.63 -0.31
N VAL A 137 8.29 -10.24 -1.38
CA VAL A 137 8.86 -8.90 -1.48
C VAL A 137 7.78 -7.84 -1.24
N ALA A 138 6.65 -8.00 -1.93
CA ALA A 138 5.59 -7.00 -1.91
C ALA A 138 4.82 -6.96 -0.60
N SER A 139 4.84 -8.04 0.16
CA SER A 139 4.22 -8.02 1.48
C SER A 139 5.10 -7.21 2.43
N PHE A 140 6.42 -7.41 2.32
CA PHE A 140 7.37 -6.66 3.14
C PHE A 140 7.22 -5.16 2.89
N ALA A 141 7.24 -4.76 1.63
CA ALA A 141 7.11 -3.35 1.25
C ALA A 141 5.83 -2.78 1.82
N GLU A 142 4.72 -3.49 1.62
CA GLU A 142 3.42 -3.02 2.08
C GLU A 142 3.43 -2.79 3.57
N ASP A 143 3.90 -3.79 4.32
CA ASP A 143 4.01 -3.66 5.76
C ASP A 143 4.73 -2.38 6.08
N VAL A 144 5.88 -2.19 5.45
CA VAL A 144 6.68 -0.99 5.63
C VAL A 144 5.86 0.28 5.38
N LEU A 145 5.21 0.34 4.22
CA LEU A 145 4.42 1.51 3.83
C LEU A 145 3.31 1.83 4.81
N LYS A 146 2.85 0.82 5.55
CA LYS A 146 1.81 1.03 6.56
C LYS A 146 2.31 1.81 7.78
N GLN A 147 3.63 1.87 7.95
CA GLN A 147 4.23 2.56 9.09
C GLN A 147 4.89 3.89 8.71
N LEU A 148 4.78 4.28 7.45
CA LEU A 148 5.40 5.51 6.98
C LEU A 148 4.40 6.64 6.80
N SER B 2 -9.81 -42.26 7.13
CA SER B 2 -9.81 -41.58 5.84
C SER B 2 -8.47 -40.94 5.52
N LYS B 3 -8.14 -40.90 4.23
CA LYS B 3 -6.91 -40.27 3.77
C LYS B 3 -7.18 -38.87 3.17
N VAL B 4 -6.53 -37.86 3.73
CA VAL B 4 -6.73 -36.47 3.33
C VAL B 4 -5.44 -35.83 2.82
N LEU B 5 -5.55 -35.19 1.66
CA LEU B 5 -4.45 -34.39 1.09
C LEU B 5 -4.70 -32.90 1.25
N ILE B 6 -3.86 -32.23 2.03
CA ILE B 6 -3.93 -30.77 2.17
C ILE B 6 -2.82 -30.12 1.36
N VAL B 7 -3.19 -29.51 0.24
CA VAL B 7 -2.23 -28.84 -0.64
C VAL B 7 -2.41 -27.34 -0.53
N PHE B 8 -1.32 -26.60 -0.40
CA PHE B 8 -1.44 -25.19 -0.10
C PHE B 8 -0.47 -24.30 -0.87
N GLY B 9 -0.91 -23.07 -1.11
CA GLY B 9 -0.05 -22.03 -1.63
C GLY B 9 0.12 -20.96 -0.58
N SER B 10 1.36 -20.74 -0.16
CA SER B 10 1.65 -19.74 0.86
C SER B 10 2.90 -18.95 0.46
N SER B 11 2.85 -17.63 0.61
CA SER B 11 4.01 -16.82 0.26
C SER B 11 4.67 -16.17 1.47
N THR B 12 3.89 -15.92 2.52
CA THR B 12 4.48 -15.49 3.78
C THR B 12 4.13 -16.45 4.93
N GLY B 13 3.72 -17.67 4.59
CA GLY B 13 3.54 -18.70 5.58
C GLY B 13 2.20 -18.76 6.30
N ASN B 14 1.29 -17.83 6.00
CA ASN B 14 -0.01 -17.81 6.67
C ASN B 14 -0.94 -18.96 6.29
N THR B 15 -1.01 -19.27 5.00
CA THR B 15 -1.85 -20.38 4.54
C THR B 15 -1.19 -21.73 4.85
N GLU B 16 0.13 -21.75 4.91
CA GLU B 16 0.86 -22.95 5.28
C GLU B 16 0.60 -23.27 6.74
N SER B 17 0.51 -22.21 7.53
CA SER B 17 0.28 -22.31 8.96
C SER B 17 -1.17 -22.72 9.28
N ILE B 18 -2.11 -22.36 8.42
CA ILE B 18 -3.49 -22.81 8.57
C ILE B 18 -3.60 -24.27 8.11
N ALA B 19 -2.70 -24.68 7.22
CA ALA B 19 -2.67 -26.04 6.73
C ALA B 19 -2.03 -27.00 7.74
N GLN B 20 -0.99 -26.54 8.42
CA GLN B 20 -0.34 -27.38 9.44
C GLN B 20 -1.36 -27.63 10.54
N LYS B 21 -2.07 -26.56 10.93
CA LYS B 21 -3.11 -26.64 11.95
C LYS B 21 -4.22 -27.63 11.57
N LEU B 22 -4.81 -27.43 10.39
CA LEU B 22 -5.80 -28.35 9.85
C LEU B 22 -5.29 -29.79 9.86
N GLU B 23 -4.02 -29.98 9.48
CA GLU B 23 -3.46 -31.32 9.54
C GLU B 23 -3.54 -31.86 10.96
N GLU B 24 -3.07 -31.07 11.93
CA GLU B 24 -3.08 -31.47 13.33
C GLU B 24 -4.48 -31.87 13.80
N LEU B 25 -5.47 -31.01 13.56
CA LEU B 25 -6.83 -31.24 14.04
C LEU B 25 -7.49 -32.45 13.38
N ILE B 26 -7.32 -32.58 12.07
CA ILE B 26 -7.91 -33.67 11.32
C ILE B 26 -7.28 -35.02 11.66
N ALA B 27 -5.99 -34.99 11.95
CA ALA B 27 -5.26 -36.19 12.37
C ALA B 27 -5.71 -36.63 13.75
N ALA B 28 -6.01 -35.66 14.62
CA ALA B 28 -6.51 -35.97 15.95
C ALA B 28 -7.94 -36.47 15.88
N GLY B 29 -8.52 -36.39 14.68
CA GLY B 29 -9.85 -36.94 14.44
C GLY B 29 -9.72 -38.37 13.97
N GLY B 30 -8.48 -38.86 13.90
CA GLY B 30 -8.20 -40.25 13.58
C GLY B 30 -7.83 -40.54 12.14
N HIS B 31 -7.50 -39.51 11.37
CA HIS B 31 -7.24 -39.67 9.93
C HIS B 31 -5.79 -39.50 9.53
N GLU B 32 -5.42 -40.14 8.43
CA GLU B 32 -4.07 -39.97 7.88
C GLU B 32 -4.09 -38.77 6.96
N VAL B 33 -3.32 -37.75 7.30
CA VAL B 33 -3.24 -36.56 6.49
C VAL B 33 -1.88 -36.47 5.81
N THR B 34 -1.86 -35.82 4.66
CA THR B 34 -0.62 -35.54 3.96
C THR B 34 -0.58 -34.07 3.61
N LEU B 35 0.49 -33.41 4.04
CA LEU B 35 0.68 -31.99 3.77
C LEU B 35 1.54 -31.83 2.51
N LEU B 36 1.11 -30.98 1.59
CA LEU B 36 1.84 -30.80 0.33
C LEU B 36 1.93 -29.34 -0.08
N ASN B 37 3.16 -28.87 -0.26
CA ASN B 37 3.36 -27.54 -0.78
C ASN B 37 3.00 -27.50 -2.26
N ALA B 38 2.20 -26.51 -2.64
CA ALA B 38 1.79 -26.35 -4.03
C ALA B 38 2.99 -26.05 -4.95
N ALA B 39 4.11 -25.66 -4.34
CA ALA B 39 5.32 -25.42 -5.10
C ALA B 39 6.05 -26.74 -5.35
N ASP B 40 5.68 -27.77 -4.60
CA ASP B 40 6.28 -29.09 -4.72
C ASP B 40 5.33 -30.10 -5.35
N ALA B 41 4.20 -29.64 -5.86
CA ALA B 41 3.15 -30.54 -6.32
C ALA B 41 3.19 -30.84 -7.82
N SER B 42 2.74 -32.03 -8.20
CA SER B 42 2.53 -32.38 -9.59
C SER B 42 1.05 -32.67 -9.76
N ALA B 43 0.37 -31.81 -10.52
CA ALA B 43 -1.06 -31.96 -10.73
C ALA B 43 -1.45 -33.37 -11.13
N GLU B 44 -0.76 -33.91 -12.13
CA GLU B 44 -1.10 -35.20 -12.74
C GLU B 44 -1.36 -36.32 -11.71
N ASN B 45 -2.62 -36.69 -11.56
CA ASN B 45 -3.03 -37.75 -10.65
C ASN B 45 -2.80 -37.44 -9.18
N LEU B 46 -2.84 -36.15 -8.82
CA LEU B 46 -2.51 -35.72 -7.47
C LEU B 46 -3.41 -36.36 -6.39
N ALA B 47 -4.70 -36.48 -6.69
CA ALA B 47 -5.67 -36.94 -5.69
C ALA B 47 -5.80 -38.45 -5.65
N ASP B 48 -4.97 -39.16 -6.42
CA ASP B 48 -5.00 -40.61 -6.43
C ASP B 48 -4.80 -41.22 -5.05
N GLY B 49 -5.83 -41.90 -4.54
CA GLY B 49 -5.74 -42.57 -3.26
C GLY B 49 -6.31 -41.78 -2.11
N TYR B 50 -6.62 -40.51 -2.35
CA TYR B 50 -7.11 -39.64 -1.29
C TYR B 50 -8.64 -39.56 -1.21
N ASP B 51 -9.18 -39.83 -0.03
CA ASP B 51 -10.61 -39.72 0.20
C ASP B 51 -11.10 -38.29 0.00
N ALA B 52 -10.23 -37.33 0.31
CA ALA B 52 -10.59 -35.91 0.26
C ALA B 52 -9.35 -35.02 0.07
N VAL B 53 -9.53 -33.88 -0.59
CA VAL B 53 -8.41 -32.96 -0.85
C VAL B 53 -8.74 -31.54 -0.45
N LEU B 54 -7.96 -30.98 0.46
CA LEU B 54 -8.13 -29.61 0.91
C LEU B 54 -7.15 -28.69 0.18
N PHE B 55 -7.67 -27.62 -0.40
CA PHE B 55 -6.85 -26.67 -1.17
C PHE B 55 -6.70 -25.38 -0.42
N GLY B 56 -5.47 -24.95 -0.21
CA GLY B 56 -5.16 -23.67 0.41
C GLY B 56 -4.54 -22.72 -0.59
N CYS B 57 -5.08 -21.51 -0.65
CA CYS B 57 -4.58 -20.50 -1.60
C CYS B 57 -4.77 -19.08 -1.09
N SER B 58 -3.66 -18.38 -0.83
CA SER B 58 -3.73 -17.02 -0.31
C SER B 58 -3.97 -16.03 -1.43
N ALA B 59 -4.51 -14.86 -1.07
CA ALA B 59 -4.90 -13.87 -2.06
C ALA B 59 -3.81 -12.85 -2.36
N TRP B 60 -3.61 -12.59 -3.65
CA TRP B 60 -2.65 -11.60 -4.09
C TRP B 60 -3.21 -10.86 -5.30
N GLY B 61 -3.91 -9.76 -5.03
CA GLY B 61 -4.69 -9.07 -6.04
C GLY B 61 -3.92 -8.43 -7.17
N MET B 62 -2.64 -8.15 -6.95
CA MET B 62 -1.84 -7.46 -7.96
C MET B 62 -1.26 -8.36 -9.04
N GLU B 63 0.00 -8.09 -9.39
CA GLU B 63 0.69 -8.73 -10.51
C GLU B 63 0.27 -10.17 -10.83
N ASP B 64 -0.07 -10.92 -9.79
CA ASP B 64 -0.06 -12.37 -9.87
C ASP B 64 -1.37 -13.04 -10.24
N LEU B 65 -2.03 -12.54 -11.29
CA LEU B 65 -3.23 -13.20 -11.80
C LEU B 65 -4.11 -13.64 -10.64
N GLU B 66 -4.11 -12.83 -9.63
CA GLU B 66 -4.92 -12.90 -8.42
C GLU B 66 -4.87 -14.15 -7.58
N MET B 67 -4.06 -15.12 -7.98
CA MET B 67 -3.84 -16.31 -7.14
C MET B 67 -2.41 -16.25 -6.63
N GLN B 68 -2.07 -17.15 -5.72
CA GLN B 68 -0.73 -17.29 -5.18
C GLN B 68 0.16 -18.04 -6.19
N ASP B 69 1.36 -17.49 -6.40
CA ASP B 69 2.36 -18.05 -7.30
C ASP B 69 2.22 -19.54 -7.58
N ASP B 70 2.58 -20.33 -6.58
CA ASP B 70 2.72 -21.76 -6.73
C ASP B 70 1.39 -22.45 -6.95
N PHE B 71 0.31 -21.85 -6.42
CA PHE B 71 -1.01 -22.46 -6.53
C PHE B 71 -1.60 -22.27 -7.93
N LEU B 72 -1.38 -21.09 -8.50
CA LEU B 72 -1.88 -20.78 -9.84
C LEU B 72 -1.42 -21.82 -10.86
N SER B 73 -0.18 -22.26 -10.73
CA SER B 73 0.36 -23.28 -11.62
C SER B 73 -0.39 -24.60 -11.46
N LEU B 74 -0.81 -24.91 -10.23
CA LEU B 74 -1.58 -26.10 -9.95
C LEU B 74 -3.02 -25.95 -10.45
N PHE B 75 -3.68 -24.89 -9.97
CA PHE B 75 -5.07 -24.61 -10.32
C PHE B 75 -5.33 -24.63 -11.84
N GLU B 76 -4.35 -24.20 -12.61
CA GLU B 76 -4.47 -24.22 -14.07
C GLU B 76 -4.47 -25.64 -14.61
N GLU B 77 -4.13 -26.60 -13.74
CA GLU B 77 -4.11 -28.01 -14.09
C GLU B 77 -5.00 -28.82 -13.17
N PHE B 78 -6.01 -28.17 -12.63
CA PHE B 78 -6.99 -28.85 -11.79
C PHE B 78 -7.56 -30.09 -12.45
N ASP B 79 -7.76 -30.04 -13.77
CA ASP B 79 -8.43 -31.13 -14.47
C ASP B 79 -7.56 -32.37 -14.64
N ARG B 80 -6.29 -32.30 -14.25
CA ARG B 80 -5.40 -33.45 -14.29
C ARG B 80 -5.31 -34.12 -12.93
N ILE B 81 -5.97 -33.52 -11.93
CA ILE B 81 -5.79 -33.91 -10.54
C ILE B 81 -6.55 -35.18 -10.15
N GLY B 82 -7.65 -35.47 -10.82
CA GLY B 82 -8.46 -36.63 -10.51
C GLY B 82 -9.52 -36.36 -9.46
N LEU B 83 -10.09 -35.15 -9.51
CA LEU B 83 -11.01 -34.69 -8.50
C LEU B 83 -12.43 -35.29 -8.61
N ALA B 84 -12.68 -36.01 -9.70
CA ALA B 84 -14.01 -36.58 -9.93
C ALA B 84 -14.37 -37.54 -8.81
N GLY B 85 -15.52 -37.31 -8.19
CA GLY B 85 -16.00 -38.16 -7.11
C GLY B 85 -15.13 -38.16 -5.86
N ARG B 86 -14.47 -37.04 -5.60
CA ARG B 86 -13.69 -36.89 -4.36
C ARG B 86 -14.23 -35.74 -3.51
N LYS B 87 -13.97 -35.80 -2.20
CA LYS B 87 -14.39 -34.77 -1.28
C LYS B 87 -13.39 -33.62 -1.32
N VAL B 88 -13.89 -32.40 -1.48
CA VAL B 88 -13.01 -31.26 -1.64
C VAL B 88 -13.45 -30.09 -0.77
N ALA B 89 -12.49 -29.23 -0.44
CA ALA B 89 -12.79 -28.00 0.27
C ALA B 89 -11.62 -27.05 0.11
N ALA B 90 -11.88 -25.77 0.37
CA ALA B 90 -10.88 -24.74 0.18
C ALA B 90 -10.83 -23.76 1.35
N PHE B 91 -9.62 -23.32 1.67
CA PHE B 91 -9.41 -22.29 2.68
C PHE B 91 -8.38 -21.33 2.13
N ALA B 92 -8.17 -20.22 2.82
CA ALA B 92 -7.21 -19.22 2.38
C ALA B 92 -6.97 -18.20 3.48
N SER B 93 -5.80 -17.56 3.43
CA SER B 93 -5.52 -16.40 4.26
C SER B 93 -5.44 -15.15 3.38
N GLY B 94 -5.95 -14.04 3.89
CA GLY B 94 -6.00 -12.82 3.12
C GLY B 94 -6.20 -11.63 4.02
N ASP B 95 -6.48 -10.48 3.41
CA ASP B 95 -6.69 -9.24 4.15
C ASP B 95 -7.99 -8.57 3.73
N GLN B 96 -8.85 -8.31 4.72
CA GLN B 96 -10.15 -7.68 4.51
C GLN B 96 -10.01 -6.28 3.91
N GLU B 97 -8.86 -5.64 4.15
CA GLU B 97 -8.66 -4.28 3.70
C GLU B 97 -8.52 -4.17 2.18
N TYR B 98 -8.56 -5.30 1.48
CA TYR B 98 -8.56 -5.28 0.02
C TYR B 98 -9.99 -5.49 -0.51
N GLU B 99 -10.22 -5.09 -1.76
CA GLU B 99 -11.55 -5.14 -2.33
C GLU B 99 -12.08 -6.56 -2.37
N HIS B 100 -11.22 -7.50 -2.78
CA HIS B 100 -11.64 -8.89 -2.94
C HIS B 100 -10.93 -9.79 -1.95
N PHE B 101 -11.69 -10.26 -0.95
CA PHE B 101 -11.17 -11.04 0.15
C PHE B 101 -11.21 -12.53 -0.16
N CYS B 102 -10.02 -13.14 -0.24
CA CYS B 102 -9.86 -14.58 -0.46
C CYS B 102 -10.69 -15.12 -1.63
N GLY B 103 -10.58 -14.46 -2.78
CA GLY B 103 -11.32 -14.87 -3.96
C GLY B 103 -10.94 -16.23 -4.55
N ALA B 104 -9.80 -16.75 -4.14
CA ALA B 104 -9.38 -18.05 -4.64
C ALA B 104 -10.31 -19.14 -4.13
N VAL B 105 -10.99 -18.87 -3.02
CA VAL B 105 -11.83 -19.88 -2.36
C VAL B 105 -13.05 -20.26 -3.22
N PRO B 106 -13.86 -19.27 -3.63
CA PRO B 106 -14.92 -19.62 -4.58
C PRO B 106 -14.35 -20.19 -5.89
N ALA B 107 -13.27 -19.61 -6.41
CA ALA B 107 -12.63 -20.09 -7.62
C ALA B 107 -12.36 -21.59 -7.57
N ILE B 108 -11.79 -22.05 -6.46
CA ILE B 108 -11.42 -23.45 -6.29
C ILE B 108 -12.65 -24.34 -6.18
N GLU B 109 -13.59 -23.93 -5.35
CA GLU B 109 -14.81 -24.70 -5.14
C GLU B 109 -15.53 -24.86 -6.47
N GLU B 110 -15.71 -23.74 -7.15
CA GLU B 110 -16.29 -23.70 -8.48
C GLU B 110 -15.65 -24.72 -9.41
N ARG B 111 -14.33 -24.63 -9.59
CA ARG B 111 -13.60 -25.49 -10.52
C ARG B 111 -13.68 -26.96 -10.15
N ALA B 112 -13.39 -27.27 -8.89
CA ALA B 112 -13.46 -28.65 -8.41
C ALA B 112 -14.85 -29.23 -8.64
N LYS B 113 -15.87 -28.43 -8.37
CA LYS B 113 -17.25 -28.87 -8.49
C LYS B 113 -17.60 -29.18 -9.94
N GLU B 114 -17.08 -28.37 -10.85
CA GLU B 114 -17.31 -28.57 -12.28
C GLU B 114 -16.63 -29.85 -12.74
N LEU B 115 -15.67 -30.32 -11.95
CA LEU B 115 -14.87 -31.47 -12.33
C LEU B 115 -15.38 -32.75 -11.67
N GLY B 116 -16.60 -32.70 -11.14
CA GLY B 116 -17.22 -33.86 -10.54
C GLY B 116 -16.92 -34.06 -9.07
N ALA B 117 -16.20 -33.11 -8.47
CA ALA B 117 -15.85 -33.22 -7.06
C ALA B 117 -17.01 -32.74 -6.18
N THR B 118 -17.01 -33.17 -4.92
CA THR B 118 -18.06 -32.77 -3.98
C THR B 118 -17.51 -31.82 -2.93
N ILE B 119 -18.13 -30.65 -2.80
CA ILE B 119 -17.70 -29.65 -1.83
C ILE B 119 -18.26 -30.02 -0.46
N ILE B 120 -17.38 -30.45 0.44
CA ILE B 120 -17.80 -31.01 1.73
C ILE B 120 -17.83 -30.00 2.88
N ALA B 121 -17.19 -28.86 2.68
CA ALA B 121 -17.16 -27.83 3.70
C ALA B 121 -17.24 -26.46 3.06
N GLU B 122 -17.78 -25.49 3.78
CA GLU B 122 -17.81 -24.12 3.30
C GLU B 122 -16.40 -23.51 3.32
N GLY B 123 -16.10 -22.73 2.30
CA GLY B 123 -14.77 -22.17 2.15
C GLY B 123 -14.32 -21.41 3.38
N LEU B 124 -13.09 -21.67 3.82
CA LEU B 124 -12.53 -20.92 4.93
C LEU B 124 -11.83 -19.65 4.43
N LYS B 125 -12.40 -18.51 4.78
CA LYS B 125 -11.76 -17.23 4.50
C LYS B 125 -11.45 -16.58 5.83
N MET B 126 -10.16 -16.34 6.09
CA MET B 126 -9.74 -15.71 7.34
C MET B 126 -8.45 -14.96 7.11
N GLU B 127 -8.11 -14.08 8.05
CA GLU B 127 -6.87 -13.32 8.00
C GLU B 127 -5.76 -13.95 8.85
N GLY B 128 -4.53 -13.47 8.65
CA GLY B 128 -3.41 -13.90 9.47
C GLY B 128 -3.16 -15.40 9.43
N ASP B 129 -2.47 -15.90 10.45
CA ASP B 129 -2.17 -17.33 10.49
C ASP B 129 -3.09 -18.12 11.41
N ALA B 130 -2.83 -19.42 11.51
CA ALA B 130 -3.67 -20.34 12.26
C ALA B 130 -3.95 -19.87 13.68
N SER B 131 -3.01 -19.11 14.24
CA SER B 131 -3.13 -18.65 15.62
C SER B 131 -3.95 -17.37 15.69
N ASN B 132 -4.04 -16.69 14.56
CA ASN B 132 -4.80 -15.44 14.50
C ASN B 132 -6.30 -15.68 14.63
N ASP B 133 -6.76 -16.84 14.17
CA ASP B 133 -8.17 -17.16 14.26
C ASP B 133 -8.35 -18.65 14.44
N PRO B 134 -7.98 -19.16 15.62
CA PRO B 134 -8.06 -20.60 15.87
C PRO B 134 -9.49 -21.11 15.72
N GLU B 135 -10.46 -20.29 16.11
CA GLU B 135 -11.86 -20.70 16.10
C GLU B 135 -12.37 -20.96 14.69
N ALA B 136 -12.07 -20.05 13.78
CA ALA B 136 -12.46 -20.19 12.38
C ALA B 136 -11.81 -21.45 11.79
N VAL B 137 -10.50 -21.60 11.99
CA VAL B 137 -9.78 -22.78 11.55
C VAL B 137 -10.48 -24.03 12.06
N ALA B 138 -10.70 -24.08 13.37
CA ALA B 138 -11.32 -25.24 14.01
C ALA B 138 -12.67 -25.60 13.39
N SER B 139 -13.47 -24.60 13.08
CA SER B 139 -14.76 -24.81 12.44
C SER B 139 -14.58 -25.54 11.09
N PHE B 140 -13.67 -25.03 10.26
CA PHE B 140 -13.39 -25.66 8.98
C PHE B 140 -13.05 -27.14 9.17
N ALA B 141 -12.16 -27.43 10.12
CA ALA B 141 -11.75 -28.82 10.39
C ALA B 141 -12.93 -29.71 10.74
N GLU B 142 -13.73 -29.26 11.72
CA GLU B 142 -14.90 -30.00 12.15
C GLU B 142 -15.87 -30.22 10.98
N ASP B 143 -16.15 -29.15 10.25
CA ASP B 143 -17.01 -29.23 9.08
C ASP B 143 -16.52 -30.26 8.08
N VAL B 144 -15.20 -30.40 8.01
CA VAL B 144 -14.60 -31.41 7.16
C VAL B 144 -14.70 -32.78 7.80
N LEU B 145 -14.33 -32.85 9.07
CA LEU B 145 -14.33 -34.11 9.80
C LEU B 145 -15.69 -34.78 9.78
N LYS B 146 -16.75 -33.99 9.71
CA LYS B 146 -18.11 -34.52 9.72
C LYS B 146 -18.45 -35.26 8.44
N GLN B 147 -17.71 -34.98 7.36
CA GLN B 147 -17.96 -35.61 6.06
C GLN B 147 -16.99 -36.75 5.74
N LEU B 148 -16.03 -37.00 6.64
CA LEU B 148 -15.09 -38.09 6.46
C LEU B 148 -15.48 -39.30 7.31
N SER C 2 -22.32 -4.31 3.05
CA SER C 2 -21.70 -3.01 3.19
C SER C 2 -22.08 -2.39 4.53
N LYS C 3 -21.16 -1.61 5.10
CA LYS C 3 -21.47 -0.86 6.32
C LYS C 3 -21.92 0.57 6.00
N VAL C 4 -23.20 0.86 6.25
CA VAL C 4 -23.76 2.18 5.99
C VAL C 4 -23.85 2.99 7.28
N LEU C 5 -23.74 4.31 7.16
CA LEU C 5 -23.88 5.20 8.31
C LEU C 5 -24.97 6.21 8.05
N ILE C 6 -26.03 6.17 8.85
CA ILE C 6 -27.13 7.12 8.72
C ILE C 6 -27.11 8.12 9.85
N VAL C 7 -26.80 9.38 9.52
CA VAL C 7 -26.74 10.45 10.52
C VAL C 7 -27.80 11.49 10.22
N PHE C 8 -28.53 11.91 11.24
CA PHE C 8 -29.72 12.74 11.04
C PHE C 8 -29.87 13.88 12.04
N GLY C 9 -30.57 14.92 11.61
CA GLY C 9 -30.96 16.02 12.47
C GLY C 9 -32.47 16.15 12.40
N SER C 10 -33.10 16.21 13.57
CA SER C 10 -34.55 16.26 13.68
C SER C 10 -34.98 17.03 14.93
N SER C 11 -35.95 17.91 14.79
CA SER C 11 -36.45 18.66 15.93
C SER C 11 -37.75 18.07 16.46
N THR C 12 -38.60 17.60 15.55
CA THR C 12 -39.91 17.11 15.93
C THR C 12 -40.12 15.63 15.60
N GLY C 13 -39.02 14.93 15.29
CA GLY C 13 -39.05 13.49 15.11
C GLY C 13 -39.42 12.98 13.72
N ASN C 14 -39.46 13.87 12.73
CA ASN C 14 -39.88 13.47 11.39
C ASN C 14 -38.73 12.96 10.50
N THR C 15 -37.56 13.57 10.63
CA THR C 15 -36.37 13.09 9.92
C THR C 15 -35.84 11.85 10.62
N GLU C 16 -36.00 11.80 11.94
CA GLU C 16 -35.58 10.65 12.72
C GLU C 16 -36.45 9.45 12.36
N SER C 17 -37.75 9.70 12.20
CA SER C 17 -38.68 8.66 11.78
C SER C 17 -38.27 8.04 10.44
N ILE C 18 -37.95 8.90 9.48
CA ILE C 18 -37.49 8.45 8.17
C ILE C 18 -36.14 7.74 8.28
N ALA C 19 -35.27 8.27 9.14
CA ALA C 19 -33.99 7.63 9.44
C ALA C 19 -34.17 6.19 9.93
N GLN C 20 -35.00 6.03 10.97
CA GLN C 20 -35.31 4.71 11.51
C GLN C 20 -35.88 3.78 10.44
N LYS C 21 -36.76 4.31 9.60
CA LYS C 21 -37.39 3.51 8.54
C LYS C 21 -36.40 3.12 7.45
N LEU C 22 -35.38 3.94 7.23
CA LEU C 22 -34.33 3.63 6.27
C LEU C 22 -33.38 2.56 6.81
N GLU C 23 -33.07 2.66 8.10
CA GLU C 23 -32.22 1.67 8.73
C GLU C 23 -32.84 0.28 8.63
N GLU C 24 -34.15 0.21 8.80
CA GLU C 24 -34.86 -1.05 8.65
C GLU C 24 -34.77 -1.59 7.22
N LEU C 25 -34.95 -0.72 6.25
CA LEU C 25 -34.99 -1.12 4.84
C LEU C 25 -33.59 -1.41 4.30
N ILE C 26 -32.58 -0.77 4.86
CA ILE C 26 -31.22 -1.00 4.42
C ILE C 26 -30.60 -2.20 5.13
N ALA C 27 -31.15 -2.52 6.30
CA ALA C 27 -30.71 -3.70 7.03
C ALA C 27 -31.40 -4.93 6.45
N ALA C 28 -32.63 -4.74 5.99
CA ALA C 28 -33.37 -5.81 5.33
C ALA C 28 -32.63 -6.24 4.08
N GLY C 29 -31.80 -5.35 3.58
CA GLY C 29 -30.97 -5.65 2.42
C GLY C 29 -29.67 -6.36 2.78
N GLY C 30 -29.54 -6.72 4.05
CA GLY C 30 -28.38 -7.47 4.51
C GLY C 30 -27.14 -6.63 4.78
N HIS C 31 -27.31 -5.31 4.82
CA HIS C 31 -26.19 -4.41 5.08
C HIS C 31 -26.11 -4.05 6.56
N GLU C 32 -24.94 -3.63 7.00
CA GLU C 32 -24.74 -3.30 8.41
C GLU C 32 -24.79 -1.78 8.63
N VAL C 33 -25.95 -1.29 9.01
CA VAL C 33 -26.15 0.13 9.24
C VAL C 33 -25.83 0.53 10.68
N THR C 34 -25.63 1.83 10.86
CA THR C 34 -25.44 2.40 12.18
C THR C 34 -26.22 3.70 12.19
N LEU C 35 -27.24 3.79 13.04
CA LEU C 35 -28.09 4.96 13.08
C LEU C 35 -27.66 5.91 14.21
N LEU C 36 -27.32 7.13 13.81
CA LEU C 36 -26.65 8.06 14.71
C LEU C 36 -27.25 9.46 14.60
N ASN C 37 -27.61 10.01 15.76
CA ASN C 37 -28.15 11.36 15.83
C ASN C 37 -27.03 12.39 15.70
N ALA C 38 -27.19 13.35 14.79
CA ALA C 38 -26.13 14.33 14.53
C ALA C 38 -25.54 14.85 15.84
N ALA C 39 -26.42 15.17 16.78
CA ALA C 39 -26.04 15.68 18.09
C ALA C 39 -25.04 14.78 18.81
N ASP C 40 -25.10 13.48 18.53
CA ASP C 40 -24.20 12.51 19.16
C ASP C 40 -22.97 12.25 18.30
N ALA C 41 -22.89 12.92 17.16
CA ALA C 41 -21.81 12.68 16.20
C ALA C 41 -20.55 13.48 16.50
N SER C 42 -19.42 12.91 16.11
CA SER C 42 -18.15 13.62 16.16
C SER C 42 -17.57 13.68 14.74
N ALA C 43 -17.51 14.90 14.20
CA ALA C 43 -17.16 15.10 12.79
C ALA C 43 -15.86 14.41 12.37
N GLU C 44 -14.89 14.36 13.27
CA GLU C 44 -13.57 13.82 12.96
C GLU C 44 -13.62 12.35 12.54
N ASN C 45 -13.30 12.08 11.28
CA ASN C 45 -13.25 10.72 10.76
C ASN C 45 -14.54 9.94 10.98
N LEU C 46 -15.67 10.62 10.79
CA LEU C 46 -16.99 10.04 11.06
C LEU C 46 -17.35 8.91 10.10
N ALA C 47 -16.84 9.01 8.87
CA ALA C 47 -17.22 8.07 7.83
C ALA C 47 -16.24 6.91 7.68
N ASP C 48 -15.13 6.96 8.41
CA ASP C 48 -14.14 5.89 8.33
C ASP C 48 -14.75 4.52 8.66
N GLY C 49 -14.75 3.64 7.67
CA GLY C 49 -15.24 2.28 7.85
C GLY C 49 -16.56 2.04 7.14
N TYR C 50 -17.17 3.10 6.64
CA TYR C 50 -18.49 3.00 6.03
C TYR C 50 -18.47 3.18 4.52
N ASP C 51 -19.08 2.23 3.81
CA ASP C 51 -19.19 2.30 2.36
C ASP C 51 -20.09 3.45 1.91
N ALA C 52 -21.04 3.83 2.76
CA ALA C 52 -21.99 4.89 2.42
C ALA C 52 -22.45 5.69 3.64
N VAL C 53 -22.69 6.98 3.43
CA VAL C 53 -23.16 7.84 4.49
C VAL C 53 -24.47 8.51 4.10
N LEU C 54 -25.51 8.31 4.89
CA LEU C 54 -26.79 8.95 4.65
C LEU C 54 -27.03 10.10 5.64
N PHE C 55 -27.20 11.31 5.10
CA PHE C 55 -27.44 12.48 5.93
C PHE C 55 -28.90 12.90 5.87
N GLY C 56 -29.46 13.21 7.04
CA GLY C 56 -30.82 13.71 7.12
C GLY C 56 -30.86 15.01 7.90
N CYS C 57 -31.64 15.96 7.41
CA CYS C 57 -31.70 17.27 8.03
C CYS C 57 -32.95 18.04 7.64
N SER C 58 -33.77 18.38 8.63
CA SER C 58 -34.91 19.25 8.39
C SER C 58 -34.41 20.69 8.41
N ALA C 59 -35.22 21.59 7.85
CA ALA C 59 -34.86 23.00 7.81
C ALA C 59 -35.85 23.80 8.66
N TRP C 60 -35.39 24.94 9.18
CA TRP C 60 -36.21 25.73 10.11
C TRP C 60 -36.08 27.24 9.91
N GLY C 61 -35.56 27.63 8.75
CA GLY C 61 -35.43 29.04 8.41
C GLY C 61 -36.67 29.55 7.72
N MET C 62 -36.99 30.83 7.93
CA MET C 62 -38.23 31.42 7.43
C MET C 62 -38.04 32.04 6.06
N GLU C 63 -36.96 32.81 5.91
CA GLU C 63 -36.65 33.45 4.65
C GLU C 63 -35.55 32.66 3.98
N ASP C 64 -34.50 32.38 4.75
CA ASP C 64 -33.32 31.68 4.27
C ASP C 64 -33.37 30.18 4.63
N LEU C 65 -32.40 29.45 4.11
CA LEU C 65 -32.21 28.04 4.45
C LEU C 65 -31.49 27.94 5.78
N GLU C 66 -32.13 27.26 6.74
CA GLU C 66 -31.54 27.08 8.05
C GLU C 66 -31.61 25.63 8.49
N MET C 67 -30.45 25.00 8.62
CA MET C 67 -30.38 23.58 8.96
C MET C 67 -30.77 23.31 10.41
N GLN C 68 -31.48 22.22 10.63
CA GLN C 68 -31.76 21.75 11.99
C GLN C 68 -30.45 21.90 12.76
N ASP C 69 -30.53 22.46 13.96
CA ASP C 69 -29.34 22.89 14.70
C ASP C 69 -28.24 21.84 14.89
N ASP C 70 -28.63 20.64 15.32
CA ASP C 70 -27.66 19.58 15.61
C ASP C 70 -26.89 19.16 14.37
N PHE C 71 -27.58 19.12 13.22
CA PHE C 71 -26.91 18.78 11.97
C PHE C 71 -26.10 19.97 11.42
N LEU C 72 -26.56 21.18 11.70
CA LEU C 72 -25.84 22.38 11.27
C LEU C 72 -24.42 22.44 11.85
N SER C 73 -24.30 22.05 13.12
CA SER C 73 -22.99 21.94 13.76
C SER C 73 -22.14 20.87 13.10
N LEU C 74 -22.80 19.90 12.47
CA LEU C 74 -22.10 18.82 11.77
C LEU C 74 -21.84 19.15 10.31
N PHE C 75 -22.73 19.92 9.69
CA PHE C 75 -22.55 20.35 8.31
C PHE C 75 -21.31 21.23 8.21
N GLU C 76 -21.10 22.05 9.24
CA GLU C 76 -19.97 22.97 9.30
C GLU C 76 -18.64 22.22 9.38
N GLU C 77 -18.69 20.93 9.71
CA GLU C 77 -17.48 20.13 9.85
C GLU C 77 -17.47 18.96 8.87
N PHE C 78 -18.15 19.15 7.74
CA PHE C 78 -18.21 18.14 6.68
C PHE C 78 -16.82 17.84 6.10
N ASP C 79 -15.90 18.78 6.25
CA ASP C 79 -14.55 18.62 5.72
C ASP C 79 -13.73 17.67 6.57
N ARG C 80 -14.16 17.43 7.81
CA ARG C 80 -13.42 16.57 8.73
C ARG C 80 -13.96 15.14 8.75
N ILE C 81 -15.08 14.94 8.07
CA ILE C 81 -15.76 13.65 8.06
C ILE C 81 -14.98 12.58 7.30
N GLY C 82 -14.53 12.92 6.09
CA GLY C 82 -13.87 11.96 5.24
C GLY C 82 -14.83 11.35 4.24
N LEU C 83 -15.45 12.20 3.43
CA LEU C 83 -16.42 11.76 2.44
C LEU C 83 -15.76 11.53 1.08
N ALA C 84 -14.47 11.81 0.99
CA ALA C 84 -13.72 11.61 -0.24
C ALA C 84 -13.86 10.17 -0.76
N GLY C 85 -14.61 10.00 -1.84
CA GLY C 85 -14.75 8.72 -2.49
C GLY C 85 -15.86 7.83 -1.92
N ARG C 86 -16.48 8.28 -0.83
CA ARG C 86 -17.55 7.52 -0.21
C ARG C 86 -18.90 7.89 -0.78
N LYS C 87 -19.76 6.89 -0.92
CA LYS C 87 -21.11 7.10 -1.44
C LYS C 87 -21.94 7.87 -0.43
N VAL C 88 -22.71 8.84 -0.91
CA VAL C 88 -23.47 9.72 -0.04
C VAL C 88 -24.85 10.01 -0.63
N ALA C 89 -25.85 10.13 0.23
CA ALA C 89 -27.21 10.47 -0.18
C ALA C 89 -27.91 11.31 0.89
N ALA C 90 -28.82 12.19 0.47
CA ALA C 90 -29.48 13.07 1.43
C ALA C 90 -30.97 12.81 1.47
N PHE C 91 -31.57 13.04 2.63
CA PHE C 91 -33.00 12.90 2.82
C PHE C 91 -33.45 13.89 3.89
N ALA C 92 -34.76 14.05 4.05
CA ALA C 92 -35.27 14.99 5.04
C ALA C 92 -36.78 15.03 5.13
N SER C 93 -37.26 15.71 6.16
CA SER C 93 -38.66 16.04 6.28
C SER C 93 -38.81 17.55 6.16
N GLY C 94 -39.93 17.99 5.59
CA GLY C 94 -40.17 19.40 5.41
C GLY C 94 -41.63 19.74 5.19
N ASP C 95 -41.90 21.01 4.95
CA ASP C 95 -43.24 21.50 4.66
C ASP C 95 -43.17 22.29 3.36
N GLN C 96 -44.08 22.00 2.44
CA GLN C 96 -44.08 22.64 1.13
C GLN C 96 -44.59 24.07 1.21
N GLU C 97 -45.32 24.38 2.28
CA GLU C 97 -45.79 25.73 2.51
C GLU C 97 -44.66 26.64 2.96
N TYR C 98 -43.42 26.19 2.77
CA TYR C 98 -42.24 27.01 3.05
C TYR C 98 -41.41 27.22 1.77
N GLU C 99 -40.39 28.05 1.87
CA GLU C 99 -39.68 28.50 0.67
C GLU C 99 -38.48 27.62 0.28
N HIS C 100 -37.95 26.87 1.23
CA HIS C 100 -36.79 26.04 0.98
C HIS C 100 -37.11 24.58 1.31
N PHE C 101 -38.07 24.01 0.59
CA PHE C 101 -38.57 22.67 0.86
C PHE C 101 -37.46 21.62 0.89
N CYS C 102 -37.23 21.07 2.08
CA CYS C 102 -36.15 20.11 2.30
C CYS C 102 -34.87 20.61 1.65
N GLY C 103 -34.66 21.92 1.72
CA GLY C 103 -33.55 22.58 1.08
C GLY C 103 -32.21 22.32 1.76
N ALA C 104 -32.21 21.44 2.74
CA ALA C 104 -30.96 21.01 3.35
C ALA C 104 -30.41 19.84 2.56
N VAL C 105 -31.29 19.20 1.79
CA VAL C 105 -30.90 18.08 0.93
C VAL C 105 -29.86 18.50 -0.12
N PRO C 106 -30.20 19.47 -0.98
CA PRO C 106 -29.21 19.95 -1.96
C PRO C 106 -27.96 20.50 -1.28
N ALA C 107 -28.13 21.20 -0.16
CA ALA C 107 -27.00 21.75 0.56
C ALA C 107 -25.99 20.65 0.92
N ILE C 108 -26.53 19.54 1.44
CA ILE C 108 -25.73 18.39 1.85
C ILE C 108 -25.02 17.76 0.66
N GLU C 109 -25.77 17.55 -0.43
CA GLU C 109 -25.23 16.90 -1.60
C GLU C 109 -24.06 17.64 -2.25
N GLU C 110 -24.26 18.92 -2.57
CA GLU C 110 -23.21 19.76 -3.16
C GLU C 110 -21.95 19.76 -2.32
N ARG C 111 -22.08 20.14 -1.05
CA ARG C 111 -20.94 20.18 -0.14
C ARG C 111 -20.25 18.83 -0.12
N ALA C 112 -21.01 17.77 -0.38
CA ALA C 112 -20.48 16.40 -0.39
C ALA C 112 -19.73 16.08 -1.68
N LYS C 113 -20.37 16.32 -2.83
CA LYS C 113 -19.70 16.15 -4.11
C LYS C 113 -18.41 16.98 -4.13
N GLU C 114 -18.50 18.19 -3.56
CA GLU C 114 -17.35 19.09 -3.45
C GLU C 114 -16.18 18.43 -2.73
N LEU C 115 -16.48 17.63 -1.70
CA LEU C 115 -15.44 16.98 -0.92
C LEU C 115 -15.04 15.61 -1.47
N GLY C 116 -15.54 15.29 -2.68
CA GLY C 116 -15.14 14.09 -3.37
C GLY C 116 -16.03 12.89 -3.19
N ALA C 117 -17.19 13.11 -2.56
CA ALA C 117 -18.14 12.03 -2.32
C ALA C 117 -18.97 11.74 -3.56
N THR C 118 -19.47 10.52 -3.66
CA THR C 118 -20.28 10.12 -4.80
C THR C 118 -21.75 9.97 -4.42
N ILE C 119 -22.60 10.83 -4.97
CA ILE C 119 -24.04 10.71 -4.76
C ILE C 119 -24.54 9.43 -5.43
N ILE C 120 -25.28 8.61 -4.69
CA ILE C 120 -25.72 7.33 -5.23
C ILE C 120 -27.24 7.27 -5.41
N ALA C 121 -27.90 8.38 -5.16
CA ALA C 121 -29.36 8.44 -5.27
C ALA C 121 -29.86 9.88 -5.22
N GLU C 122 -31.01 10.11 -5.82
CA GLU C 122 -31.61 11.43 -5.84
C GLU C 122 -32.16 11.77 -4.47
N GLY C 123 -31.67 12.86 -3.89
CA GLY C 123 -32.09 13.30 -2.57
C GLY C 123 -33.56 13.09 -2.26
N LEU C 124 -33.85 12.65 -1.05
CA LEU C 124 -35.23 12.35 -0.64
C LEU C 124 -35.88 13.53 0.07
N LYS C 125 -36.93 14.08 -0.54
CA LYS C 125 -37.67 15.20 0.03
C LYS C 125 -39.12 14.79 0.27
N MET C 126 -39.56 14.87 1.51
CA MET C 126 -40.94 14.56 1.84
C MET C 126 -41.47 15.41 3.00
N GLU C 127 -42.67 15.10 3.45
CA GLU C 127 -43.28 15.78 4.59
C GLU C 127 -43.59 14.77 5.69
N GLY C 128 -43.77 15.28 6.90
CA GLY C 128 -44.14 14.46 8.04
C GLY C 128 -43.11 13.39 8.37
N ASP C 129 -43.57 12.31 8.99
CA ASP C 129 -42.69 11.19 9.30
C ASP C 129 -42.63 10.18 8.15
N ALA C 130 -42.09 9.01 8.41
CA ALA C 130 -41.94 7.97 7.39
C ALA C 130 -43.29 7.36 7.00
N SER C 131 -44.22 7.34 7.95
CA SER C 131 -45.53 6.74 7.74
C SER C 131 -46.38 7.64 6.85
N ASN C 132 -46.06 8.93 6.83
CA ASN C 132 -46.80 9.91 6.04
C ASN C 132 -46.59 9.74 4.54
N ASP C 133 -45.54 9.02 4.16
CA ASP C 133 -45.20 8.82 2.75
C ASP C 133 -44.24 7.65 2.59
N PRO C 134 -44.72 6.43 2.85
CA PRO C 134 -43.91 5.20 2.85
C PRO C 134 -43.40 4.81 1.48
N GLU C 135 -44.06 5.26 0.42
CA GLU C 135 -43.62 4.95 -0.94
C GLU C 135 -42.36 5.75 -1.27
N ALA C 136 -42.32 6.98 -0.76
CA ALA C 136 -41.19 7.86 -0.99
C ALA C 136 -40.00 7.41 -0.17
N VAL C 137 -40.26 6.92 1.05
CA VAL C 137 -39.19 6.36 1.86
C VAL C 137 -38.67 5.11 1.14
N ALA C 138 -39.60 4.24 0.75
CA ALA C 138 -39.29 2.98 0.08
C ALA C 138 -38.44 3.17 -1.17
N SER C 139 -38.93 3.97 -2.10
CA SER C 139 -38.21 4.27 -3.33
C SER C 139 -36.77 4.71 -3.07
N PHE C 140 -36.59 5.58 -2.07
CA PHE C 140 -35.26 6.10 -1.75
C PHE C 140 -34.34 5.00 -1.23
N ALA C 141 -34.90 4.14 -0.38
CA ALA C 141 -34.15 3.01 0.15
C ALA C 141 -33.82 2.08 -0.99
N GLU C 142 -34.73 2.01 -1.95
CA GLU C 142 -34.59 1.18 -3.13
C GLU C 142 -33.37 1.61 -3.93
N ASP C 143 -33.25 2.91 -4.20
CA ASP C 143 -32.14 3.44 -4.98
C ASP C 143 -30.82 3.36 -4.24
N VAL C 144 -30.85 3.66 -2.95
CA VAL C 144 -29.66 3.58 -2.14
C VAL C 144 -29.12 2.16 -2.17
N LEU C 145 -30.03 1.19 -2.09
CA LEU C 145 -29.67 -0.22 -2.03
C LEU C 145 -29.04 -0.72 -3.33
N LYS C 146 -29.51 -0.21 -4.46
CA LYS C 146 -28.94 -0.61 -5.75
C LYS C 146 -27.48 -0.20 -5.88
N GLN C 147 -27.03 0.69 -4.99
CA GLN C 147 -25.69 1.25 -5.07
C GLN C 147 -24.78 0.68 -3.99
N LEU C 148 -25.36 -0.08 -3.06
CA LEU C 148 -24.57 -0.67 -1.98
C LEU C 148 -24.00 -2.02 -2.41
N SER D 2 -35.50 4.86 21.19
CA SER D 2 -34.40 4.51 22.08
C SER D 2 -33.12 4.21 21.31
N LYS D 3 -31.98 4.45 21.95
CA LYS D 3 -30.68 4.13 21.38
C LYS D 3 -30.23 2.74 21.82
N VAL D 4 -30.02 1.85 20.84
CA VAL D 4 -29.61 0.47 21.13
C VAL D 4 -28.23 0.14 20.56
N LEU D 5 -27.43 -0.54 21.37
CA LEU D 5 -26.12 -1.02 20.95
C LEU D 5 -26.07 -2.52 20.86
N ILE D 6 -25.88 -3.06 19.67
CA ILE D 6 -25.69 -4.49 19.51
C ILE D 6 -24.22 -4.78 19.25
N VAL D 7 -23.57 -5.32 20.28
CA VAL D 7 -22.16 -5.73 20.18
C VAL D 7 -22.10 -7.24 20.12
N PHE D 8 -21.31 -7.77 19.19
CA PHE D 8 -21.27 -9.20 18.98
C PHE D 8 -19.88 -9.73 18.70
N GLY D 9 -19.68 -10.99 19.07
CA GLY D 9 -18.47 -11.70 18.71
C GLY D 9 -18.84 -12.86 17.81
N SER D 10 -18.41 -12.80 16.56
CA SER D 10 -18.71 -13.86 15.61
C SER D 10 -17.43 -14.38 14.93
N SER D 11 -17.25 -15.70 14.91
CA SER D 11 -16.06 -16.30 14.29
C SER D 11 -16.34 -16.92 12.92
N THR D 12 -17.56 -17.43 12.73
CA THR D 12 -17.97 -17.88 11.40
C THR D 12 -19.13 -17.04 10.85
N GLY D 13 -19.58 -16.04 11.60
CA GLY D 13 -20.56 -15.11 11.10
C GLY D 13 -22.00 -15.27 11.55
N ASN D 14 -22.30 -16.37 12.23
CA ASN D 14 -23.69 -16.62 12.64
C ASN D 14 -24.22 -15.65 13.69
N THR D 15 -23.45 -15.43 14.76
CA THR D 15 -23.84 -14.44 15.74
C THR D 15 -23.89 -13.05 15.11
N GLU D 16 -23.02 -12.81 14.14
CA GLU D 16 -23.02 -11.57 13.39
C GLU D 16 -24.31 -11.40 12.61
N SER D 17 -24.74 -12.50 11.99
CA SER D 17 -25.96 -12.54 11.21
C SER D 17 -27.22 -12.42 12.07
N ILE D 18 -27.19 -12.94 13.29
CA ILE D 18 -28.32 -12.76 14.20
C ILE D 18 -28.36 -11.31 14.66
N ALA D 19 -27.19 -10.68 14.75
CA ALA D 19 -27.10 -9.28 15.13
C ALA D 19 -27.54 -8.35 14.00
N GLN D 20 -27.25 -8.75 12.75
CA GLN D 20 -27.70 -7.99 11.59
C GLN D 20 -29.23 -7.95 11.62
N LYS D 21 -29.83 -9.14 11.78
CA LYS D 21 -31.29 -9.29 11.86
C LYS D 21 -31.92 -8.47 12.98
N LEU D 22 -31.45 -8.69 14.22
CA LEU D 22 -31.93 -7.94 15.37
C LEU D 22 -31.92 -6.44 15.12
N GLU D 23 -30.85 -5.93 14.53
CA GLU D 23 -30.80 -4.53 14.16
C GLU D 23 -31.98 -4.13 13.27
N GLU D 24 -32.27 -4.95 12.27
CA GLU D 24 -33.37 -4.67 11.33
C GLU D 24 -34.71 -4.62 12.05
N LEU D 25 -34.98 -5.62 12.89
CA LEU D 25 -36.26 -5.73 13.55
C LEU D 25 -36.45 -4.66 14.63
N ILE D 26 -35.35 -4.23 15.22
CA ILE D 26 -35.40 -3.28 16.32
C ILE D 26 -35.50 -1.83 15.84
N ALA D 27 -34.98 -1.56 14.64
CA ALA D 27 -35.16 -0.27 14.00
C ALA D 27 -36.61 -0.14 13.55
N ALA D 28 -37.13 -1.20 12.96
CA ALA D 28 -38.53 -1.24 12.52
C ALA D 28 -39.46 -0.95 13.68
N GLY D 29 -38.97 -1.13 14.90
CA GLY D 29 -39.75 -0.87 16.08
C GLY D 29 -39.67 0.60 16.48
N GLY D 30 -39.00 1.39 15.66
CA GLY D 30 -38.88 2.82 15.89
C GLY D 30 -37.72 3.22 16.80
N HIS D 31 -36.51 2.76 16.46
CA HIS D 31 -35.33 3.01 17.30
C HIS D 31 -34.03 3.23 16.49
N GLU D 32 -33.05 3.89 17.11
CA GLU D 32 -31.73 4.01 16.51
C GLU D 32 -30.86 2.88 17.01
N VAL D 33 -30.32 2.09 16.08
CA VAL D 33 -29.50 0.95 16.45
C VAL D 33 -28.09 1.09 15.87
N THR D 34 -27.09 0.80 16.70
CA THR D 34 -25.71 0.78 16.26
C THR D 34 -25.18 -0.63 16.32
N LEU D 35 -24.66 -1.11 15.20
CA LEU D 35 -24.09 -2.46 15.13
C LEU D 35 -22.58 -2.37 15.34
N LEU D 36 -22.07 -3.12 16.33
CA LEU D 36 -20.65 -3.06 16.65
C LEU D 36 -20.03 -4.45 16.79
N ASN D 37 -18.91 -4.65 16.10
CA ASN D 37 -18.15 -5.86 16.23
C ASN D 37 -17.24 -5.83 17.46
N ALA D 38 -17.17 -6.94 18.18
CA ALA D 38 -16.40 -7.02 19.43
C ALA D 38 -14.89 -6.98 19.19
N ALA D 39 -14.49 -7.15 17.94
CA ALA D 39 -13.08 -7.04 17.58
C ALA D 39 -12.74 -5.58 17.32
N ASP D 40 -13.78 -4.78 17.06
CA ASP D 40 -13.62 -3.35 16.79
C ASP D 40 -13.95 -2.50 18.02
N ALA D 41 -14.27 -3.15 19.14
CA ALA D 41 -14.79 -2.45 20.31
C ALA D 41 -13.74 -2.05 21.34
N SER D 42 -14.09 -1.03 22.13
CA SER D 42 -13.29 -0.60 23.28
C SER D 42 -14.20 -0.61 24.51
N ALA D 43 -13.87 -1.44 25.48
CA ALA D 43 -14.70 -1.60 26.67
C ALA D 43 -15.00 -0.25 27.34
N GLU D 44 -13.95 0.52 27.58
CA GLU D 44 -14.05 1.78 28.30
C GLU D 44 -15.13 2.73 27.76
N ASN D 45 -16.15 2.96 28.59
CA ASN D 45 -17.24 3.87 28.23
C ASN D 45 -17.98 3.49 26.95
N LEU D 46 -18.17 2.19 26.74
CA LEU D 46 -18.83 1.71 25.53
C LEU D 46 -20.32 2.05 25.49
N ALA D 47 -20.98 2.00 26.65
CA ALA D 47 -22.43 2.14 26.70
C ALA D 47 -22.89 3.60 26.74
N ASP D 48 -21.97 4.52 26.98
CA ASP D 48 -22.30 5.94 27.12
C ASP D 48 -23.26 6.47 26.07
N GLY D 49 -24.44 6.89 26.51
CA GLY D 49 -25.43 7.47 25.62
C GLY D 49 -26.39 6.46 25.04
N TYR D 50 -26.29 5.20 25.48
CA TYR D 50 -27.13 4.13 24.97
C TYR D 50 -28.21 3.67 25.94
N ASP D 51 -29.47 3.77 25.52
CA ASP D 51 -30.60 3.38 26.36
C ASP D 51 -30.55 1.90 26.72
N ALA D 52 -29.98 1.10 25.83
CA ALA D 52 -29.87 -0.35 26.02
C ALA D 52 -28.71 -0.94 25.20
N VAL D 53 -28.16 -2.07 25.66
CA VAL D 53 -27.03 -2.71 24.99
C VAL D 53 -27.23 -4.22 24.89
N LEU D 54 -27.25 -4.74 23.67
CA LEU D 54 -27.39 -6.18 23.45
C LEU D 54 -26.03 -6.82 23.16
N PHE D 55 -25.66 -7.83 23.94
CA PHE D 55 -24.41 -8.52 23.75
C PHE D 55 -24.61 -9.86 23.04
N GLY D 56 -23.85 -10.09 21.96
CA GLY D 56 -23.89 -11.34 21.23
C GLY D 56 -22.57 -12.09 21.31
N CYS D 57 -22.63 -13.38 21.61
CA CYS D 57 -21.40 -14.17 21.82
C CYS D 57 -21.59 -15.66 21.51
N SER D 58 -20.94 -16.13 20.45
CA SER D 58 -21.03 -17.52 20.07
C SER D 58 -20.23 -18.39 21.04
N ALA D 59 -20.56 -19.67 21.08
CA ALA D 59 -19.93 -20.59 22.01
C ALA D 59 -18.76 -21.35 21.40
N TRP D 60 -17.64 -21.39 22.13
CA TRP D 60 -16.47 -22.15 21.72
C TRP D 60 -15.88 -22.88 22.91
N GLY D 61 -16.27 -24.14 23.07
CA GLY D 61 -15.96 -24.90 24.27
C GLY D 61 -14.51 -25.28 24.46
N MET D 62 -13.73 -25.29 23.38
CA MET D 62 -12.33 -25.73 23.47
C MET D 62 -11.36 -24.62 23.86
N GLU D 63 -10.22 -24.61 23.17
CA GLU D 63 -9.09 -23.73 23.48
C GLU D 63 -9.44 -22.38 24.11
N ASP D 64 -10.56 -21.82 23.70
CA ASP D 64 -10.79 -20.39 23.88
C ASP D 64 -11.51 -19.95 25.15
N LEU D 65 -11.05 -20.43 26.29
CA LEU D 65 -11.53 -19.93 27.57
C LEU D 65 -13.05 -19.80 27.58
N GLU D 66 -13.65 -20.63 26.71
CA GLU D 66 -15.09 -20.94 26.37
C GLU D 66 -16.02 -19.77 26.02
N MET D 67 -15.43 -18.63 25.53
CA MET D 67 -16.17 -17.57 24.80
C MET D 67 -15.56 -17.32 23.40
N GLN D 68 -16.19 -16.50 22.55
CA GLN D 68 -15.59 -16.11 21.29
C GLN D 68 -14.42 -15.16 21.54
N ASP D 69 -13.27 -15.52 20.96
CA ASP D 69 -12.07 -14.68 20.91
C ASP D 69 -12.30 -13.25 21.33
N ASP D 70 -12.87 -12.49 20.39
CA ASP D 70 -12.99 -11.05 20.48
C ASP D 70 -13.88 -10.63 21.63
N PHE D 71 -14.86 -11.47 21.97
CA PHE D 71 -15.80 -11.13 23.03
C PHE D 71 -15.24 -11.37 24.43
N LEU D 72 -14.47 -12.45 24.57
CA LEU D 72 -13.80 -12.73 25.83
C LEU D 72 -12.99 -11.52 26.28
N SER D 73 -12.39 -10.82 25.32
CA SER D 73 -11.62 -9.61 25.64
C SER D 73 -12.52 -8.51 26.20
N LEU D 74 -13.66 -8.29 25.54
CA LEU D 74 -14.61 -7.28 26.00
C LEU D 74 -15.16 -7.66 27.37
N PHE D 75 -15.75 -8.85 27.43
CA PHE D 75 -16.35 -9.39 28.64
C PHE D 75 -15.44 -9.21 29.86
N GLU D 76 -14.21 -9.70 29.76
CA GLU D 76 -13.22 -9.54 30.83
C GLU D 76 -13.15 -8.12 31.37
N GLU D 77 -13.64 -7.16 30.58
CA GLU D 77 -13.63 -5.76 30.96
C GLU D 77 -15.04 -5.18 31.01
N PHE D 78 -15.99 -6.01 31.43
CA PHE D 78 -17.39 -5.60 31.52
C PHE D 78 -17.60 -4.39 32.43
N ASP D 79 -16.82 -4.31 33.51
CA ASP D 79 -16.99 -3.25 34.50
C ASP D 79 -16.50 -1.88 34.02
N ARG D 80 -15.92 -1.83 32.84
CA ARG D 80 -15.48 -0.55 32.28
C ARG D 80 -16.50 -0.04 31.28
N ILE D 81 -17.46 -0.89 30.93
CA ILE D 81 -18.43 -0.57 29.89
C ILE D 81 -19.42 0.54 30.28
N GLY D 82 -19.84 0.54 31.55
CA GLY D 82 -20.81 1.50 32.04
C GLY D 82 -22.23 0.96 32.06
N LEU D 83 -22.36 -0.32 32.37
CA LEU D 83 -23.63 -1.02 32.29
C LEU D 83 -24.65 -0.63 33.37
N ALA D 84 -24.20 0.10 34.37
CA ALA D 84 -25.05 0.47 35.49
C ALA D 84 -26.28 1.23 35.03
N GLY D 85 -27.45 0.78 35.45
CA GLY D 85 -28.70 1.45 35.17
C GLY D 85 -29.11 1.47 33.71
N ARG D 86 -28.58 0.53 32.93
CA ARG D 86 -28.97 0.41 31.53
C ARG D 86 -29.69 -0.90 31.26
N LYS D 87 -30.43 -0.94 30.17
CA LYS D 87 -31.13 -2.15 29.74
C LYS D 87 -30.16 -3.04 28.97
N VAL D 88 -30.14 -4.32 29.30
CA VAL D 88 -29.19 -5.25 28.69
C VAL D 88 -29.85 -6.58 28.36
N ALA D 89 -29.33 -7.25 27.33
CA ALA D 89 -29.79 -8.58 26.98
C ALA D 89 -28.71 -9.31 26.21
N ALA D 90 -28.86 -10.64 26.12
CA ALA D 90 -27.83 -11.48 25.51
C ALA D 90 -28.40 -12.49 24.52
N PHE D 91 -27.67 -12.73 23.44
CA PHE D 91 -28.02 -13.77 22.47
C PHE D 91 -26.76 -14.50 22.03
N ALA D 92 -26.92 -15.64 21.36
CA ALA D 92 -25.75 -16.40 20.95
C ALA D 92 -26.11 -17.47 19.93
N SER D 93 -25.13 -17.85 19.12
CA SER D 93 -25.26 -19.00 18.23
C SER D 93 -24.37 -20.15 18.70
N GLY D 94 -24.84 -21.37 18.53
CA GLY D 94 -24.11 -22.52 19.01
C GLY D 94 -24.65 -23.79 18.39
N ASP D 95 -24.26 -24.92 18.99
CA ASP D 95 -24.67 -26.23 18.53
C ASP D 95 -25.11 -27.10 19.71
N GLN D 96 -26.32 -27.64 19.62
CA GLN D 96 -26.92 -28.45 20.67
C GLN D 96 -26.11 -29.73 20.92
N GLU D 97 -25.30 -30.11 19.94
CA GLU D 97 -24.59 -31.37 20.04
C GLU D 97 -23.40 -31.31 20.99
N TYR D 98 -23.11 -30.13 21.52
CA TYR D 98 -22.08 -29.98 22.56
C TYR D 98 -22.71 -30.02 23.95
N GLU D 99 -21.88 -30.26 24.97
CA GLU D 99 -22.42 -30.43 26.31
C GLU D 99 -23.04 -29.13 26.84
N HIS D 100 -22.42 -28.01 26.49
CA HIS D 100 -22.83 -26.71 27.00
C HIS D 100 -23.18 -25.79 25.85
N PHE D 101 -24.48 -25.58 25.68
CA PHE D 101 -25.05 -24.86 24.55
C PHE D 101 -25.27 -23.38 24.87
N CYS D 102 -24.43 -22.52 24.26
CA CYS D 102 -24.51 -21.07 24.44
C CYS D 102 -24.40 -20.63 25.90
N GLY D 103 -23.42 -21.16 26.62
CA GLY D 103 -23.23 -20.79 28.02
C GLY D 103 -22.81 -19.34 28.23
N ALA D 104 -22.36 -18.69 27.17
CA ALA D 104 -21.95 -17.30 27.29
C ALA D 104 -23.14 -16.40 27.62
N VAL D 105 -24.34 -16.87 27.29
CA VAL D 105 -25.57 -16.09 27.48
C VAL D 105 -25.88 -15.82 28.97
N PRO D 106 -26.09 -16.90 29.76
CA PRO D 106 -26.29 -16.70 31.19
C PRO D 106 -25.13 -15.93 31.82
N ALA D 107 -23.89 -16.25 31.43
CA ALA D 107 -22.70 -15.54 31.92
C ALA D 107 -22.81 -14.03 31.70
N ILE D 108 -23.32 -13.63 30.54
CA ILE D 108 -23.45 -12.22 30.22
C ILE D 108 -24.53 -11.57 31.07
N GLU D 109 -25.68 -12.23 31.17
CA GLU D 109 -26.80 -11.73 31.99
C GLU D 109 -26.33 -11.60 33.43
N GLU D 110 -25.67 -12.66 33.89
CA GLU D 110 -25.10 -12.71 35.22
C GLU D 110 -24.22 -11.50 35.50
N ARG D 111 -23.24 -11.26 34.63
CA ARG D 111 -22.24 -10.23 34.87
C ARG D 111 -22.80 -8.81 34.82
N ALA D 112 -23.62 -8.54 33.80
CA ALA D 112 -24.24 -7.23 33.64
C ALA D 112 -25.20 -6.93 34.79
N LYS D 113 -25.85 -7.97 35.30
CA LYS D 113 -26.78 -7.83 36.41
C LYS D 113 -26.02 -7.40 37.66
N GLU D 114 -24.94 -8.13 37.97
CA GLU D 114 -24.05 -7.79 39.06
C GLU D 114 -23.65 -6.32 38.95
N LEU D 115 -23.41 -5.88 37.72
CA LEU D 115 -22.85 -4.55 37.46
C LEU D 115 -23.88 -3.42 37.39
N GLY D 116 -25.10 -3.67 37.88
CA GLY D 116 -26.11 -2.65 37.96
C GLY D 116 -27.06 -2.53 36.76
N ALA D 117 -26.87 -3.40 35.77
CA ALA D 117 -27.72 -3.36 34.60
C ALA D 117 -29.04 -4.08 34.84
N THR D 118 -30.06 -3.72 34.06
CA THR D 118 -31.35 -4.39 34.14
C THR D 118 -31.53 -5.31 32.94
N ILE D 119 -31.72 -6.61 33.21
CA ILE D 119 -31.91 -7.59 32.15
C ILE D 119 -33.33 -7.47 31.62
N ILE D 120 -33.48 -7.12 30.34
CA ILE D 120 -34.80 -6.78 29.79
C ILE D 120 -35.46 -7.91 28.98
N ALA D 121 -34.68 -8.93 28.64
CA ALA D 121 -35.21 -10.05 27.88
C ALA D 121 -34.50 -11.35 28.26
N GLU D 122 -35.22 -12.45 28.16
CA GLU D 122 -34.64 -13.77 28.32
C GLU D 122 -33.61 -14.05 27.22
N GLY D 123 -32.48 -14.65 27.60
CA GLY D 123 -31.37 -14.82 26.68
C GLY D 123 -31.73 -15.63 25.47
N LEU D 124 -31.25 -15.20 24.31
CA LEU D 124 -31.49 -15.93 23.07
C LEU D 124 -30.40 -16.95 22.80
N LYS D 125 -30.76 -18.23 22.91
CA LYS D 125 -29.85 -19.30 22.55
C LYS D 125 -30.45 -20.00 21.36
N MET D 126 -29.70 -20.06 20.25
CA MET D 126 -30.15 -20.75 19.05
C MET D 126 -29.00 -21.31 18.27
N GLU D 127 -29.32 -22.12 17.26
CA GLU D 127 -28.31 -22.68 16.36
C GLU D 127 -28.21 -21.89 15.04
N GLY D 128 -27.09 -22.03 14.35
CA GLY D 128 -26.94 -21.47 13.01
C GLY D 128 -27.11 -19.96 12.93
N ASP D 129 -27.48 -19.47 11.75
CA ASP D 129 -27.66 -18.04 11.55
C ASP D 129 -29.13 -17.62 11.65
N ALA D 130 -29.37 -16.32 11.51
CA ALA D 130 -30.72 -15.77 11.64
C ALA D 130 -31.71 -16.58 10.82
N SER D 131 -31.39 -16.75 9.53
CA SER D 131 -32.27 -17.44 8.61
C SER D 131 -32.61 -18.85 9.10
N ASN D 132 -31.72 -19.43 9.90
CA ASN D 132 -31.97 -20.76 10.44
C ASN D 132 -33.10 -20.77 11.46
N ASP D 133 -33.29 -19.65 12.14
CA ASP D 133 -34.34 -19.60 13.14
C ASP D 133 -34.92 -18.20 13.27
N PRO D 134 -35.69 -17.77 12.27
CA PRO D 134 -36.27 -16.42 12.28
C PRO D 134 -37.22 -16.19 13.46
N GLU D 135 -37.94 -17.22 13.88
CA GLU D 135 -38.95 -17.08 14.93
C GLU D 135 -38.34 -16.93 16.33
N ALA D 136 -37.19 -17.55 16.56
CA ALA D 136 -36.47 -17.35 17.81
C ALA D 136 -35.92 -15.93 17.82
N VAL D 137 -35.19 -15.58 16.76
CA VAL D 137 -34.66 -14.24 16.58
C VAL D 137 -35.74 -13.19 16.82
N ALA D 138 -36.88 -13.35 16.16
CA ALA D 138 -37.98 -12.39 16.25
C ALA D 138 -38.63 -12.35 17.63
N SER D 139 -38.57 -13.45 18.37
CA SER D 139 -39.08 -13.44 19.74
C SER D 139 -38.18 -12.55 20.58
N PHE D 140 -36.88 -12.80 20.50
CA PHE D 140 -35.89 -12.01 21.21
C PHE D 140 -36.12 -10.51 20.96
N ALA D 141 -36.28 -10.12 19.70
CA ALA D 141 -36.43 -8.70 19.33
C ALA D 141 -37.67 -8.06 19.95
N GLU D 142 -38.78 -8.78 19.91
CA GLU D 142 -40.03 -8.29 20.49
C GLU D 142 -39.88 -8.16 22.01
N ASP D 143 -39.35 -9.20 22.66
CA ASP D 143 -39.09 -9.16 24.09
C ASP D 143 -38.28 -7.95 24.50
N VAL D 144 -37.40 -7.52 23.61
CA VAL D 144 -36.60 -6.34 23.84
C VAL D 144 -37.43 -5.08 23.56
N LEU D 145 -38.15 -5.09 22.45
CA LEU D 145 -38.92 -3.93 22.01
C LEU D 145 -39.99 -3.53 23.01
N LYS D 146 -40.44 -4.49 23.83
CA LYS D 146 -41.45 -4.23 24.85
C LYS D 146 -40.88 -3.51 26.07
N GLN D 147 -39.55 -3.39 26.14
CA GLN D 147 -38.89 -2.76 27.29
C GLN D 147 -38.25 -1.41 26.96
N LEU D 148 -38.24 -1.04 25.68
CA LEU D 148 -37.67 0.24 25.26
C LEU D 148 -38.77 1.28 25.11
N SER E 2 22.21 0.98 -13.28
CA SER E 2 23.09 2.12 -13.01
C SER E 2 22.70 2.79 -11.71
N LYS E 3 23.68 3.37 -11.02
CA LYS E 3 23.41 4.12 -9.80
C LYS E 3 23.26 5.60 -10.08
N VAL E 4 22.06 6.12 -9.87
CA VAL E 4 21.73 7.50 -10.19
C VAL E 4 21.53 8.32 -8.93
N LEU E 5 22.16 9.48 -8.87
CA LEU E 5 21.98 10.43 -7.77
C LEU E 5 21.10 11.59 -8.21
N ILE E 6 20.03 11.84 -7.46
CA ILE E 6 19.19 13.01 -7.72
C ILE E 6 19.34 14.01 -6.58
N VAL E 7 20.03 15.11 -6.87
CA VAL E 7 20.19 16.21 -5.94
C VAL E 7 19.27 17.35 -6.33
N PHE E 8 18.58 17.93 -5.35
CA PHE E 8 17.55 18.93 -5.63
C PHE E 8 17.57 20.07 -4.62
N GLY E 9 17.32 21.27 -5.12
CA GLY E 9 17.11 22.45 -4.30
C GLY E 9 15.66 22.85 -4.42
N SER E 10 14.97 22.94 -3.29
CA SER E 10 13.53 23.16 -3.30
C SER E 10 13.09 23.99 -2.09
N SER E 11 12.27 25.01 -2.33
CA SER E 11 11.79 25.89 -1.27
C SER E 11 10.33 25.63 -0.87
N THR E 12 9.52 25.21 -1.84
CA THR E 12 8.11 24.94 -1.59
C THR E 12 7.68 23.56 -2.09
N GLY E 13 8.64 22.66 -2.25
CA GLY E 13 8.37 21.25 -2.46
C GLY E 13 8.07 20.81 -3.88
N ASN E 14 8.04 21.75 -4.81
CA ASN E 14 7.71 21.45 -6.20
C ASN E 14 8.82 20.71 -6.93
N THR E 15 10.03 21.26 -6.90
CA THR E 15 11.19 20.61 -7.49
C THR E 15 11.52 19.28 -6.80
N GLU E 16 11.35 19.23 -5.48
CA GLU E 16 11.56 17.98 -4.75
C GLU E 16 10.46 16.98 -5.06
N SER E 17 9.31 17.50 -5.49
CA SER E 17 8.20 16.67 -5.89
C SER E 17 8.55 15.94 -7.19
N ILE E 18 9.08 16.70 -8.15
CA ILE E 18 9.53 16.14 -9.42
C ILE E 18 10.65 15.12 -9.19
N ALA E 19 11.55 15.44 -8.26
CA ALA E 19 12.65 14.54 -7.94
C ALA E 19 12.16 13.19 -7.39
N GLN E 20 11.08 13.20 -6.60
CA GLN E 20 10.50 11.98 -6.06
C GLN E 20 9.96 11.10 -7.18
N LYS E 21 9.27 11.72 -8.13
CA LYS E 21 8.67 11.00 -9.25
C LYS E 21 9.72 10.55 -10.25
N LEU E 22 10.81 11.29 -10.35
CA LEU E 22 11.94 10.87 -11.18
C LEU E 22 12.60 9.64 -10.59
N GLU E 23 12.71 9.59 -9.27
CA GLU E 23 13.20 8.39 -8.60
C GLU E 23 12.31 7.21 -8.91
N GLU E 24 11.02 7.37 -8.67
CA GLU E 24 10.06 6.28 -8.89
C GLU E 24 10.15 5.74 -10.32
N LEU E 25 10.18 6.64 -11.30
CA LEU E 25 10.19 6.24 -12.69
C LEU E 25 11.49 5.55 -13.08
N ILE E 26 12.61 6.17 -12.72
CA ILE E 26 13.92 5.62 -13.04
C ILE E 26 14.20 4.31 -12.31
N ALA E 27 13.65 4.19 -11.11
CA ALA E 27 13.81 2.97 -10.33
C ALA E 27 12.88 1.88 -10.86
N ALA E 28 11.79 2.32 -11.48
CA ALA E 28 10.90 1.38 -12.15
C ALA E 28 11.61 0.88 -13.39
N GLY E 29 12.74 1.51 -13.70
CA GLY E 29 13.57 1.10 -14.81
C GLY E 29 14.67 0.17 -14.36
N GLY E 30 14.59 -0.25 -13.10
CA GLY E 30 15.49 -1.24 -12.56
C GLY E 30 16.84 -0.69 -12.13
N HIS E 31 16.92 0.63 -11.93
CA HIS E 31 18.18 1.24 -11.53
C HIS E 31 18.18 1.61 -10.06
N GLU E 32 19.36 1.86 -9.51
CA GLU E 32 19.51 2.18 -8.11
C GLU E 32 19.66 3.69 -7.91
N VAL E 33 18.60 4.32 -7.43
CA VAL E 33 18.61 5.77 -7.24
C VAL E 33 18.82 6.19 -5.78
N THR E 34 19.42 7.36 -5.61
CA THR E 34 19.68 7.92 -4.29
C THR E 34 19.20 9.36 -4.26
N LEU E 35 18.15 9.62 -3.50
CA LEU E 35 17.56 10.96 -3.42
C LEU E 35 18.29 11.79 -2.38
N LEU E 36 18.48 13.08 -2.65
CA LEU E 36 19.30 13.92 -1.81
C LEU E 36 18.93 15.40 -1.95
N ASN E 37 18.56 16.01 -0.83
CA ASN E 37 18.32 17.45 -0.77
C ASN E 37 19.64 18.20 -0.72
N ALA E 38 19.82 19.15 -1.63
CA ALA E 38 21.07 19.91 -1.71
C ALA E 38 21.55 20.44 -0.36
N ALA E 39 20.60 20.86 0.49
CA ALA E 39 20.95 21.37 1.81
C ALA E 39 21.71 20.34 2.65
N ASP E 40 21.60 19.07 2.28
CA ASP E 40 22.26 17.99 3.00
C ASP E 40 23.55 17.55 2.30
N ALA E 41 23.70 17.94 1.05
CA ALA E 41 24.82 17.48 0.24
C ALA E 41 26.15 18.06 0.68
N SER E 42 27.21 17.27 0.52
CA SER E 42 28.57 17.79 0.63
C SER E 42 29.22 17.66 -0.73
N ALA E 43 29.63 18.79 -1.30
CA ALA E 43 30.11 18.85 -2.68
C ALA E 43 31.27 17.90 -2.96
N GLU E 44 32.22 17.85 -2.04
CA GLU E 44 33.42 17.04 -2.21
C GLU E 44 33.10 15.60 -2.62
N ASN E 45 33.52 15.24 -3.82
CA ASN E 45 33.35 13.87 -4.31
C ASN E 45 31.93 13.35 -4.15
N LEU E 46 30.95 14.20 -4.43
CA LEU E 46 29.55 13.84 -4.29
C LEU E 46 29.14 12.83 -5.35
N ALA E 47 29.68 12.98 -6.56
CA ALA E 47 29.28 12.15 -7.69
C ALA E 47 30.01 10.80 -7.75
N ASP E 48 31.08 10.67 -6.98
CA ASP E 48 31.86 9.44 -6.96
C ASP E 48 30.98 8.22 -6.68
N GLY E 49 31.00 7.25 -7.59
CA GLY E 49 30.22 6.03 -7.44
C GLY E 49 28.88 6.04 -8.16
N TYR E 50 28.54 7.19 -8.76
CA TYR E 50 27.27 7.31 -9.47
C TYR E 50 27.48 7.36 -10.98
N ASP E 51 26.70 6.58 -11.71
CA ASP E 51 26.79 6.57 -13.17
C ASP E 51 26.19 7.86 -13.74
N ALA E 52 25.19 8.40 -13.05
CA ALA E 52 24.52 9.62 -13.49
C ALA E 52 24.14 10.49 -12.31
N VAL E 53 24.16 11.80 -12.52
CA VAL E 53 23.74 12.74 -11.51
C VAL E 53 22.70 13.71 -12.09
N LEU E 54 21.52 13.72 -11.49
CA LEU E 54 20.47 14.67 -11.86
C LEU E 54 20.38 15.81 -10.86
N PHE E 55 20.53 17.04 -11.34
CA PHE E 55 20.40 18.22 -10.49
C PHE E 55 19.03 18.88 -10.69
N GLY E 56 18.36 19.17 -9.57
CA GLY E 56 17.09 19.88 -9.62
C GLY E 56 17.17 21.17 -8.82
N CYS E 57 16.69 22.26 -9.41
CA CYS E 57 16.82 23.56 -8.76
C CYS E 57 15.81 24.59 -9.28
N SER E 58 14.96 25.08 -8.38
CA SER E 58 14.05 26.15 -8.70
C SER E 58 14.82 27.47 -8.63
N ALA E 59 14.24 28.51 -9.22
CA ALA E 59 14.83 29.84 -9.20
C ALA E 59 13.93 30.80 -8.42
N TRP E 60 14.53 31.83 -7.84
CA TRP E 60 13.78 32.74 -6.96
C TRP E 60 14.17 34.21 -7.15
N GLY E 61 14.66 34.55 -8.34
CA GLY E 61 15.08 35.90 -8.62
C GLY E 61 14.02 36.67 -9.39
N MET E 62 13.93 37.97 -9.09
CA MET E 62 13.02 38.85 -9.80
C MET E 62 13.63 39.21 -11.15
N GLU E 63 14.72 39.96 -11.10
CA GLU E 63 15.36 40.51 -12.29
C GLU E 63 16.39 39.56 -12.86
N ASP E 64 17.22 39.00 -11.98
CA ASP E 64 18.31 38.13 -12.39
C ASP E 64 18.04 36.67 -12.02
N LEU E 65 18.87 35.77 -12.55
CA LEU E 65 18.79 34.36 -12.19
C LEU E 65 19.33 34.16 -10.79
N GLU E 66 18.51 33.57 -9.93
CA GLU E 66 18.91 33.31 -8.56
C GLU E 66 18.46 31.90 -8.15
N MET E 67 19.42 30.97 -8.14
CA MET E 67 19.12 29.59 -7.77
C MET E 67 18.54 29.52 -6.36
N GLN E 68 17.83 28.43 -6.09
CA GLN E 68 17.34 28.15 -4.75
C GLN E 68 18.54 28.18 -3.81
N ASP E 69 18.32 28.57 -2.55
CA ASP E 69 19.42 28.87 -1.64
C ASP E 69 20.31 27.68 -1.31
N ASP E 70 19.70 26.53 -1.05
CA ASP E 70 20.44 25.33 -0.72
C ASP E 70 21.27 24.85 -1.91
N PHE E 71 20.67 24.87 -3.10
CA PHE E 71 21.35 24.40 -4.28
C PHE E 71 22.47 25.35 -4.70
N LEU E 72 22.27 26.64 -4.46
CA LEU E 72 23.27 27.65 -4.81
C LEU E 72 24.63 27.38 -4.16
N SER E 73 24.62 27.02 -2.89
CA SER E 73 25.86 26.71 -2.17
C SER E 73 26.58 25.51 -2.77
N LEU E 74 25.81 24.59 -3.37
CA LEU E 74 26.35 23.39 -3.97
C LEU E 74 26.77 23.64 -5.42
N PHE E 75 26.15 24.64 -6.05
CA PHE E 75 26.50 24.99 -7.42
C PHE E 75 27.80 25.78 -7.48
N GLU E 76 28.15 26.43 -6.38
CA GLU E 76 29.41 27.17 -6.29
C GLU E 76 30.57 26.21 -6.14
N GLU E 77 30.25 24.99 -5.74
CA GLU E 77 31.29 23.98 -5.53
C GLU E 77 31.21 22.86 -6.56
N PHE E 78 30.47 23.08 -7.64
CA PHE E 78 30.38 22.12 -8.73
C PHE E 78 31.75 21.58 -9.14
N ASP E 79 32.77 22.41 -8.96
CA ASP E 79 34.14 22.02 -9.29
C ASP E 79 34.64 20.87 -8.43
N ARG E 80 33.96 20.62 -7.32
CA ARG E 80 34.44 19.66 -6.34
C ARG E 80 33.72 18.32 -6.38
N ILE E 81 32.58 18.28 -7.06
CA ILE E 81 31.76 17.09 -7.12
C ILE E 81 32.46 15.97 -7.88
N GLY E 82 33.23 16.34 -8.90
CA GLY E 82 33.90 15.37 -9.76
C GLY E 82 32.97 14.88 -10.85
N LEU E 83 32.52 15.82 -11.68
CA LEU E 83 31.56 15.53 -12.74
C LEU E 83 32.22 15.08 -14.04
N ALA E 84 33.54 15.20 -14.10
CA ALA E 84 34.31 14.86 -15.29
C ALA E 84 34.05 13.44 -15.76
N GLY E 85 33.37 13.31 -16.90
CA GLY E 85 33.10 12.00 -17.47
C GLY E 85 31.76 11.44 -17.06
N ARG E 86 31.12 12.07 -16.09
CA ARG E 86 29.83 11.60 -15.60
C ARG E 86 28.68 12.18 -16.38
N LYS E 87 27.68 11.34 -16.62
CA LYS E 87 26.43 11.76 -17.23
C LYS E 87 25.69 12.68 -16.26
N VAL E 88 25.07 13.72 -16.80
CA VAL E 88 24.37 14.69 -15.98
C VAL E 88 23.13 15.19 -16.72
N ALA E 89 22.05 15.38 -15.99
CA ALA E 89 20.85 16.03 -16.52
C ALA E 89 20.28 16.95 -15.45
N ALA E 90 19.47 17.92 -15.87
CA ALA E 90 18.96 18.93 -14.94
C ALA E 90 17.48 19.18 -15.15
N PHE E 91 16.78 19.49 -14.06
CA PHE E 91 15.35 19.72 -14.09
C PHE E 91 15.01 20.83 -13.11
N ALA E 92 13.78 21.33 -13.17
CA ALA E 92 13.36 22.44 -12.32
C ALA E 92 11.85 22.68 -12.39
N SER E 93 11.32 23.24 -11.31
CA SER E 93 9.97 23.77 -11.32
C SER E 93 10.10 25.28 -11.42
N GLY E 94 9.15 25.91 -12.07
CA GLY E 94 9.21 27.35 -12.22
C GLY E 94 7.88 27.99 -12.53
N ASP E 95 7.93 29.28 -12.86
CA ASP E 95 6.76 30.03 -13.24
C ASP E 95 7.09 30.83 -14.49
N GLN E 96 6.35 30.59 -15.56
CA GLN E 96 6.58 31.28 -16.82
C GLN E 96 6.41 32.79 -16.68
N GLU E 97 5.62 33.22 -15.70
CA GLU E 97 5.38 34.64 -15.50
C GLU E 97 6.60 35.36 -14.92
N TYR E 98 7.72 34.65 -14.89
CA TYR E 98 8.99 35.23 -14.46
C TYR E 98 9.98 35.23 -15.62
N GLU E 99 11.00 36.08 -15.52
CA GLU E 99 11.89 36.34 -16.63
C GLU E 99 12.87 35.19 -16.92
N HIS E 100 13.20 34.40 -15.89
CA HIS E 100 14.15 33.30 -16.04
C HIS E 100 13.52 31.93 -15.78
N PHE E 101 12.60 31.51 -16.64
CA PHE E 101 11.87 30.26 -16.46
C PHE E 101 12.80 29.05 -16.33
N CYS E 102 12.85 28.48 -15.12
CA CYS E 102 13.73 27.35 -14.82
C CYS E 102 15.14 27.58 -15.33
N GLY E 103 15.66 28.79 -15.10
CA GLY E 103 16.95 29.20 -15.63
C GLY E 103 18.13 28.48 -15.00
N ALA E 104 17.91 27.92 -13.81
CA ALA E 104 18.97 27.20 -13.12
C ALA E 104 19.46 26.04 -13.99
N VAL E 105 18.52 25.48 -14.76
CA VAL E 105 18.79 24.30 -15.61
C VAL E 105 19.93 24.50 -16.62
N PRO E 106 19.81 25.52 -17.48
CA PRO E 106 20.94 25.79 -18.39
C PRO E 106 22.20 26.19 -17.63
N ALA E 107 22.05 26.83 -16.48
CA ALA E 107 23.18 27.22 -15.65
C ALA E 107 23.89 25.98 -15.12
N ILE E 108 23.11 24.95 -14.81
CA ILE E 108 23.64 23.70 -14.31
C ILE E 108 24.35 22.92 -15.41
N GLU E 109 23.69 22.82 -16.57
CA GLU E 109 24.23 22.07 -17.70
C GLU E 109 25.52 22.69 -18.23
N GLU E 110 25.52 24.02 -18.37
CA GLU E 110 26.69 24.73 -18.87
C GLU E 110 27.91 24.53 -17.96
N ARG E 111 27.74 24.76 -16.67
CA ARG E 111 28.84 24.58 -15.73
C ARG E 111 29.28 23.12 -15.68
N ALA E 112 28.32 22.21 -15.82
CA ALA E 112 28.61 20.78 -15.83
C ALA E 112 29.35 20.34 -17.09
N LYS E 113 29.03 20.98 -18.21
CA LYS E 113 29.73 20.68 -19.45
C LYS E 113 31.17 21.20 -19.39
N GLU E 114 31.34 22.36 -18.78
CA GLU E 114 32.66 22.98 -18.66
C GLU E 114 33.58 22.12 -17.79
N LEU E 115 32.98 21.29 -16.96
CA LEU E 115 33.73 20.48 -16.00
C LEU E 115 33.96 19.04 -16.47
N GLY E 116 33.49 18.74 -17.67
CA GLY E 116 33.72 17.45 -18.30
C GLY E 116 32.51 16.53 -18.34
N ALA E 117 31.41 16.98 -17.74
CA ALA E 117 30.21 16.15 -17.66
C ALA E 117 29.57 15.96 -19.03
N THR E 118 28.82 14.88 -19.16
CA THR E 118 28.14 14.57 -20.42
C THR E 118 26.63 14.67 -20.22
N ILE E 119 26.02 15.70 -20.78
CA ILE E 119 24.57 15.88 -20.68
C ILE E 119 23.83 14.85 -21.52
N ILE E 120 23.00 14.04 -20.87
CA ILE E 120 22.35 12.90 -21.52
C ILE E 120 20.87 13.12 -21.89
N ALA E 121 20.37 14.32 -21.63
CA ALA E 121 18.99 14.63 -21.98
C ALA E 121 18.70 16.13 -21.96
N GLU E 122 17.62 16.52 -22.65
CA GLU E 122 17.19 17.90 -22.67
C GLU E 122 16.60 18.31 -21.32
N GLY E 123 17.27 19.24 -20.65
CA GLY E 123 16.86 19.70 -19.34
C GLY E 123 15.36 19.87 -19.18
N LEU E 124 14.86 19.49 -18.01
CA LEU E 124 13.43 19.54 -17.74
C LEU E 124 12.99 20.91 -17.21
N LYS E 125 12.08 21.55 -17.92
CA LYS E 125 11.56 22.85 -17.52
C LYS E 125 10.04 22.83 -17.43
N MET E 126 9.50 22.76 -16.23
CA MET E 126 8.05 22.73 -16.03
C MET E 126 7.56 23.68 -14.92
N GLU E 127 6.28 23.56 -14.57
CA GLU E 127 5.69 24.33 -13.48
C GLU E 127 5.05 23.41 -12.45
N GLY E 128 4.75 23.96 -11.28
CA GLY E 128 4.09 23.22 -10.22
C GLY E 128 4.87 21.99 -9.79
N ASP E 129 4.20 21.08 -9.10
CA ASP E 129 4.83 19.83 -8.70
C ASP E 129 4.84 18.83 -9.86
N ALA E 130 5.23 17.59 -9.58
CA ALA E 130 5.29 16.57 -10.61
C ALA E 130 3.90 16.25 -11.14
N SER E 131 2.90 16.31 -10.27
CA SER E 131 1.53 16.02 -10.66
C SER E 131 0.98 17.06 -11.64
N ASN E 132 1.49 18.28 -11.56
CA ASN E 132 1.02 19.34 -12.42
C ASN E 132 1.35 19.09 -13.88
N ASP E 133 2.40 18.32 -14.12
CA ASP E 133 2.82 18.01 -15.48
C ASP E 133 3.46 16.63 -15.55
N PRO E 134 2.65 15.57 -15.38
CA PRO E 134 3.10 14.18 -15.38
C PRO E 134 3.66 13.74 -16.72
N GLU E 135 3.32 14.44 -17.79
CA GLU E 135 3.79 14.08 -19.12
C GLU E 135 5.18 14.61 -19.44
N ALA E 136 5.56 15.70 -18.78
CA ALA E 136 6.90 16.26 -18.95
C ALA E 136 7.90 15.53 -18.07
N VAL E 137 7.47 15.19 -16.86
CA VAL E 137 8.29 14.39 -15.96
C VAL E 137 8.60 13.06 -16.64
N ALA E 138 7.57 12.46 -17.23
CA ALA E 138 7.68 11.16 -17.87
C ALA E 138 8.67 11.19 -19.04
N SER E 139 8.51 12.18 -19.90
CA SER E 139 9.36 12.33 -21.07
C SER E 139 10.82 12.60 -20.69
N PHE E 140 11.03 13.24 -19.56
CA PHE E 140 12.39 13.49 -19.08
C PHE E 140 13.02 12.20 -18.58
N ALA E 141 12.25 11.43 -17.81
CA ALA E 141 12.70 10.14 -17.31
C ALA E 141 13.02 9.23 -18.49
N GLU E 142 12.11 9.22 -19.46
CA GLU E 142 12.30 8.45 -20.68
C GLU E 142 13.69 8.69 -21.27
N ASP E 143 14.01 9.96 -21.53
CA ASP E 143 15.29 10.34 -22.12
C ASP E 143 16.49 9.95 -21.26
N VAL E 144 16.46 10.34 -19.99
CA VAL E 144 17.51 9.95 -19.05
C VAL E 144 17.69 8.43 -19.04
N LEU E 145 16.58 7.70 -18.92
CA LEU E 145 16.57 6.25 -18.88
C LEU E 145 17.29 5.64 -20.08
N LYS E 146 17.18 6.32 -21.22
CA LYS E 146 17.73 5.80 -22.47
C LYS E 146 19.25 5.89 -22.51
N GLN E 147 19.82 6.56 -21.52
CA GLN E 147 21.26 6.75 -21.47
C GLN E 147 21.85 6.07 -20.24
N LEU E 148 21.04 5.29 -19.55
CA LEU E 148 21.49 4.61 -18.33
C LEU E 148 21.97 3.20 -18.63
N SER F 2 14.99 5.71 33.51
CA SER F 2 15.77 6.93 33.75
C SER F 2 15.37 7.56 35.07
N LYS F 3 16.34 8.14 35.78
CA LYS F 3 16.04 8.86 37.00
C LYS F 3 15.89 10.35 36.73
N VAL F 4 14.65 10.83 36.89
CA VAL F 4 14.31 12.21 36.57
C VAL F 4 14.09 13.03 37.83
N LEU F 5 14.79 14.16 37.92
CA LEU F 5 14.58 15.14 38.98
C LEU F 5 13.70 16.27 38.49
N ILE F 6 12.66 16.58 39.24
CA ILE F 6 11.79 17.72 38.93
C ILE F 6 11.88 18.72 40.08
N VAL F 7 12.53 19.85 39.81
CA VAL F 7 12.65 20.93 40.79
C VAL F 7 11.72 22.06 40.39
N PHE F 8 11.02 22.64 41.36
CA PHE F 8 10.01 23.64 41.09
C PHE F 8 10.05 24.80 42.09
N GLY F 9 9.71 25.99 41.59
CA GLY F 9 9.53 27.16 42.41
C GLY F 9 8.09 27.59 42.29
N SER F 10 7.39 27.62 43.42
CA SER F 10 5.95 27.83 43.42
C SER F 10 5.53 28.66 44.63
N SER F 11 4.68 29.67 44.40
CA SER F 11 4.19 30.53 45.49
C SER F 11 2.72 30.28 45.83
N THR F 12 1.93 29.89 44.84
CA THR F 12 0.51 29.59 45.07
C THR F 12 0.12 28.19 44.60
N GLY F 13 1.10 27.30 44.50
CA GLY F 13 0.85 25.89 44.28
C GLY F 13 0.55 25.46 42.85
N ASN F 14 0.60 26.40 41.92
CA ASN F 14 0.28 26.10 40.52
C ASN F 14 1.39 25.36 39.80
N THR F 15 2.60 25.92 39.82
CA THR F 15 3.76 25.27 39.20
C THR F 15 4.10 23.97 39.90
N GLU F 16 3.85 23.90 41.21
CA GLU F 16 4.08 22.66 41.94
C GLU F 16 3.04 21.62 41.55
N SER F 17 1.85 22.09 41.22
CA SER F 17 0.76 21.24 40.77
C SER F 17 1.12 20.56 39.45
N ILE F 18 1.67 21.34 38.54
CA ILE F 18 2.12 20.83 37.25
C ILE F 18 3.25 19.81 37.45
N ALA F 19 4.15 20.08 38.39
CA ALA F 19 5.26 19.18 38.69
C ALA F 19 4.78 17.85 39.30
N GLN F 20 3.72 17.90 40.10
CA GLN F 20 3.13 16.68 40.65
C GLN F 20 2.56 15.81 39.52
N LYS F 21 1.88 16.44 38.58
CA LYS F 21 1.29 15.72 37.45
C LYS F 21 2.35 15.26 36.46
N LEU F 22 3.48 15.97 36.43
CA LEU F 22 4.61 15.52 35.62
C LEU F 22 5.26 14.26 36.21
N GLU F 23 5.38 14.22 37.53
CA GLU F 23 5.87 13.01 38.20
C GLU F 23 4.95 11.84 37.90
N GLU F 24 3.65 12.03 38.08
CA GLU F 24 2.70 10.95 37.86
C GLU F 24 2.84 10.39 36.45
N LEU F 25 2.81 11.26 35.45
CA LEU F 25 2.87 10.84 34.05
C LEU F 25 4.18 10.13 33.74
N ILE F 26 5.29 10.79 34.06
CA ILE F 26 6.61 10.24 33.78
C ILE F 26 6.91 8.94 34.53
N ALA F 27 6.39 8.82 35.75
CA ALA F 27 6.56 7.60 36.53
C ALA F 27 5.63 6.51 36.02
N ALA F 28 4.54 6.93 35.37
CA ALA F 28 3.66 6.00 34.69
C ALA F 28 4.36 5.51 33.43
N GLY F 29 5.46 6.18 33.09
CA GLY F 29 6.30 5.80 31.97
C GLY F 29 7.44 4.93 32.43
N GLY F 30 7.31 4.39 33.63
CA GLY F 30 8.26 3.42 34.16
C GLY F 30 9.58 4.01 34.59
N HIS F 31 9.62 5.30 34.84
CA HIS F 31 10.86 5.95 35.25
C HIS F 31 10.88 6.31 36.72
N GLU F 32 12.07 6.63 37.24
CA GLU F 32 12.22 6.91 38.66
C GLU F 32 12.38 8.40 38.91
N VAL F 33 11.29 9.04 39.33
CA VAL F 33 11.28 10.49 39.50
C VAL F 33 11.48 10.93 40.96
N THR F 34 12.12 12.09 41.12
CA THR F 34 12.36 12.68 42.42
C THR F 34 11.86 14.12 42.44
N LEU F 35 10.74 14.35 43.12
CA LEU F 35 10.17 15.67 43.23
C LEU F 35 10.89 16.48 44.31
N LEU F 36 11.12 17.76 44.05
CA LEU F 36 11.94 18.58 44.93
C LEU F 36 11.57 20.04 44.82
N ASN F 37 11.12 20.63 45.92
CA ASN F 37 10.84 22.06 45.98
C ASN F 37 12.15 22.85 46.02
N ALA F 38 12.26 23.85 45.13
CA ALA F 38 13.47 24.66 45.04
C ALA F 38 13.98 25.12 46.40
N ALA F 39 13.07 25.60 47.25
CA ALA F 39 13.43 26.10 48.58
C ALA F 39 14.15 25.07 49.44
N ASP F 40 14.06 23.80 49.07
CA ASP F 40 14.73 22.73 49.80
C ASP F 40 16.04 22.29 49.13
N ALA F 41 16.21 22.69 47.87
CA ALA F 41 17.34 22.24 47.07
C ALA F 41 18.67 22.85 47.52
N SER F 42 19.74 22.09 47.34
CA SER F 42 21.09 22.62 47.44
C SER F 42 21.73 22.50 46.08
N ALA F 43 22.10 23.64 45.50
CA ALA F 43 22.58 23.70 44.11
C ALA F 43 23.75 22.78 43.84
N GLU F 44 24.69 22.70 44.77
CA GLU F 44 25.89 21.89 44.59
C GLU F 44 25.58 20.47 44.15
N ASN F 45 26.07 20.11 42.97
CA ASN F 45 25.91 18.74 42.45
C ASN F 45 24.50 18.18 42.60
N LEU F 46 23.51 19.03 42.34
CA LEU F 46 22.11 18.65 42.47
C LEU F 46 21.71 17.63 41.39
N ALA F 47 22.28 17.77 40.20
CA ALA F 47 21.89 16.96 39.07
C ALA F 47 22.65 15.62 38.97
N ASP F 48 23.70 15.47 39.76
CA ASP F 48 24.48 14.24 39.77
C ASP F 48 23.58 13.03 40.05
N GLY F 49 23.62 12.04 39.16
CA GLY F 49 22.81 10.83 39.31
C GLY F 49 21.50 10.86 38.55
N TYR F 50 21.14 12.02 37.98
CA TYR F 50 19.88 12.16 37.26
C TYR F 50 20.09 12.21 35.75
N ASP F 51 19.30 11.43 35.02
CA ASP F 51 19.40 11.39 33.56
C ASP F 51 18.77 12.64 32.96
N ALA F 52 17.88 13.28 33.72
CA ALA F 52 17.19 14.47 33.26
C ALA F 52 16.77 15.33 34.45
N VAL F 53 16.74 16.64 34.22
CA VAL F 53 16.31 17.59 35.24
C VAL F 53 15.25 18.52 34.64
N LEU F 54 14.09 18.58 35.29
CA LEU F 54 13.01 19.48 34.86
C LEU F 54 12.87 20.63 35.86
N PHE F 55 13.02 21.85 35.36
CA PHE F 55 12.88 23.03 36.20
C PHE F 55 11.51 23.68 36.03
N GLY F 56 10.84 23.95 37.14
CA GLY F 56 9.57 24.65 37.13
C GLY F 56 9.66 25.94 37.93
N CYS F 57 9.22 27.04 37.32
CA CYS F 57 9.33 28.35 37.95
C CYS F 57 8.32 29.37 37.43
N SER F 58 7.44 29.82 38.31
CA SER F 58 6.51 30.89 37.98
C SER F 58 7.25 32.22 38.06
N ALA F 59 6.67 33.25 37.45
CA ALA F 59 7.25 34.59 37.47
C ALA F 59 6.33 35.54 38.24
N TRP F 60 6.93 36.56 38.85
CA TRP F 60 6.18 37.45 39.74
C TRP F 60 6.55 38.93 39.55
N GLY F 61 7.10 39.26 38.39
CA GLY F 61 7.48 40.62 38.08
C GLY F 61 6.39 41.36 37.35
N MET F 62 6.33 42.67 37.56
CA MET F 62 5.38 43.51 36.86
C MET F 62 5.97 43.88 35.51
N GLU F 63 7.04 44.67 35.56
CA GLU F 63 7.67 45.23 34.37
C GLU F 63 8.72 44.29 33.82
N ASP F 64 9.55 43.76 34.72
CA ASP F 64 10.65 42.88 34.32
C ASP F 64 10.40 41.43 34.74
N LEU F 65 11.24 40.53 34.23
CA LEU F 65 11.19 39.13 34.61
C LEU F 65 11.71 38.96 36.03
N GLU F 66 10.95 38.26 36.85
CA GLU F 66 11.33 38.02 38.24
C GLU F 66 10.90 36.61 38.66
N MET F 67 11.82 35.66 38.57
CA MET F 67 11.54 34.28 38.96
C MET F 67 10.99 34.20 40.38
N GLN F 68 10.21 33.17 40.63
CA GLN F 68 9.73 32.88 41.98
C GLN F 68 10.92 32.92 42.93
N ASP F 69 10.69 33.31 44.18
CA ASP F 69 11.77 33.60 45.11
C ASP F 69 12.69 32.42 45.43
N ASP F 70 12.10 31.25 45.68
CA ASP F 70 12.88 30.07 46.02
C ASP F 70 13.68 29.57 44.83
N PHE F 71 13.08 29.64 43.64
CA PHE F 71 13.77 29.16 42.46
C PHE F 71 14.90 30.10 42.07
N LEU F 72 14.67 31.40 42.26
CA LEU F 72 15.66 32.41 41.91
C LEU F 72 17.03 32.14 42.53
N SER F 73 17.07 31.87 43.83
CA SER F 73 18.31 31.59 44.53
C SER F 73 19.03 30.37 43.94
N LEU F 74 18.26 29.43 43.40
CA LEU F 74 18.81 28.23 42.79
C LEU F 74 19.24 28.49 41.34
N PHE F 75 18.58 29.44 40.68
CA PHE F 75 18.93 29.80 39.31
C PHE F 75 20.26 30.56 39.26
N GLU F 76 20.57 31.28 40.34
CA GLU F 76 21.81 32.02 40.43
C GLU F 76 22.99 31.06 40.58
N GLU F 77 22.68 29.85 41.03
CA GLU F 77 23.71 28.84 41.24
C GLU F 77 23.68 27.73 40.21
N PHE F 78 22.95 27.95 39.12
CA PHE F 78 22.88 26.98 38.02
C PHE F 78 24.26 26.47 37.63
N ASP F 79 25.27 27.30 37.87
CA ASP F 79 26.65 26.94 37.55
C ASP F 79 27.18 25.79 38.41
N ARG F 80 26.47 25.49 39.49
CA ARG F 80 26.96 24.53 40.48
C ARG F 80 26.22 23.20 40.46
N ILE F 81 25.14 23.14 39.69
CA ILE F 81 24.29 21.96 39.63
C ILE F 81 24.96 20.81 38.87
N GLY F 82 25.76 21.15 37.88
CA GLY F 82 26.43 20.16 37.05
C GLY F 82 25.55 19.71 35.90
N LEU F 83 25.02 20.69 35.17
CA LEU F 83 24.10 20.43 34.07
C LEU F 83 24.80 19.99 32.78
N ALA F 84 26.13 19.98 32.79
CA ALA F 84 26.93 19.63 31.61
C ALA F 84 26.65 18.20 31.13
N GLY F 85 26.03 18.07 29.97
CA GLY F 85 25.74 16.77 29.38
C GLY F 85 24.36 16.26 29.76
N ARG F 86 23.72 16.90 30.73
CA ARG F 86 22.44 16.44 31.23
C ARG F 86 21.27 16.98 30.44
N LYS F 87 20.29 16.11 30.20
CA LYS F 87 19.06 16.50 29.56
C LYS F 87 18.28 17.41 30.49
N VAL F 88 17.70 18.46 29.94
CA VAL F 88 16.99 19.44 30.73
C VAL F 88 15.76 19.93 29.96
N ALA F 89 14.72 20.32 30.70
CA ALA F 89 13.56 20.95 30.12
C ALA F 89 12.91 21.77 31.22
N ALA F 90 12.12 22.76 30.84
CA ALA F 90 11.55 23.69 31.81
C ALA F 90 10.06 23.89 31.61
N PHE F 91 9.37 24.20 32.70
CA PHE F 91 7.92 24.40 32.69
C PHE F 91 7.57 25.49 33.71
N ALA F 92 6.33 25.97 33.65
CA ALA F 92 5.89 27.06 34.53
C ALA F 92 4.40 27.34 34.40
N SER F 93 3.82 27.90 35.45
CA SER F 93 2.47 28.42 35.40
C SER F 93 2.58 29.93 35.30
N GLY F 94 1.68 30.55 34.57
CA GLY F 94 1.73 31.99 34.39
C GLY F 94 0.39 32.63 34.11
N ASP F 95 0.43 33.91 33.78
CA ASP F 95 -0.75 34.67 33.42
C ASP F 95 -0.45 35.47 32.16
N GLN F 96 -1.18 35.20 31.09
CA GLN F 96 -0.95 35.88 29.83
C GLN F 96 -1.20 37.39 29.94
N GLU F 97 -1.95 37.80 30.97
CA GLU F 97 -2.23 39.21 31.19
C GLU F 97 -1.02 39.96 31.76
N TYR F 98 0.11 39.26 31.87
CA TYR F 98 1.36 39.88 32.27
C TYR F 98 2.34 39.90 31.11
N GLU F 99 3.36 40.74 31.23
CA GLU F 99 4.25 41.02 30.11
C GLU F 99 5.26 39.91 29.82
N HIS F 100 5.56 39.08 30.81
CA HIS F 100 6.54 38.00 30.65
C HIS F 100 5.96 36.62 30.91
N PHE F 101 5.05 36.18 30.04
CA PHE F 101 4.32 34.92 30.23
C PHE F 101 5.25 33.72 30.40
N CYS F 102 5.30 33.19 31.62
CA CYS F 102 6.16 32.05 31.96
C CYS F 102 7.59 32.27 31.49
N GLY F 103 8.06 33.49 31.66
CA GLY F 103 9.36 33.92 31.15
C GLY F 103 10.55 33.23 31.77
N ALA F 104 10.35 32.63 32.94
CA ALA F 104 11.42 31.93 33.61
C ALA F 104 11.87 30.76 32.74
N VAL F 105 10.96 30.25 31.91
CA VAL F 105 11.21 29.06 31.10
C VAL F 105 12.37 29.23 30.11
N PRO F 106 12.29 30.26 29.24
CA PRO F 106 13.44 30.52 28.35
C PRO F 106 14.69 30.88 29.13
N ALA F 107 14.54 31.59 30.24
CA ALA F 107 15.68 31.97 31.08
C ALA F 107 16.38 30.73 31.60
N ILE F 108 15.59 29.71 31.93
CA ILE F 108 16.13 28.44 32.41
C ILE F 108 16.84 27.68 31.28
N GLU F 109 16.18 27.60 30.12
CA GLU F 109 16.73 26.86 28.99
C GLU F 109 18.03 27.49 28.48
N GLU F 110 18.04 28.82 28.39
CA GLU F 110 19.21 29.53 27.89
C GLU F 110 20.43 29.33 28.80
N ARG F 111 20.26 29.57 30.10
CA ARG F 111 21.35 29.39 31.04
C ARG F 111 21.83 27.94 31.06
N ALA F 112 20.88 27.00 31.04
CA ALA F 112 21.19 25.58 31.02
C ALA F 112 21.95 25.19 29.75
N LYS F 113 21.56 25.77 28.62
CA LYS F 113 22.26 25.51 27.37
C LYS F 113 23.69 26.04 27.42
N GLU F 114 23.86 27.21 28.03
CA GLU F 114 25.18 27.83 28.16
C GLU F 114 26.10 27.00 29.04
N LEU F 115 25.51 26.11 29.83
CA LEU F 115 26.26 25.32 30.79
C LEU F 115 26.48 23.86 30.34
N GLY F 116 26.06 23.56 29.11
CA GLY F 116 26.32 22.26 28.51
C GLY F 116 25.11 21.33 28.46
N ALA F 117 24.03 21.74 29.11
CA ALA F 117 22.83 20.90 29.17
C ALA F 117 22.20 20.75 27.79
N THR F 118 21.55 19.61 27.56
CA THR F 118 20.86 19.36 26.31
C THR F 118 19.36 19.44 26.55
N ILE F 119 18.71 20.44 25.96
CA ILE F 119 17.26 20.57 26.09
C ILE F 119 16.55 19.52 25.23
N ILE F 120 15.64 18.76 25.85
CA ILE F 120 15.02 17.62 25.18
C ILE F 120 13.54 17.81 24.82
N ALA F 121 13.02 19.01 25.07
CA ALA F 121 11.61 19.29 24.78
C ALA F 121 11.30 20.78 24.84
N GLU F 122 10.36 21.21 23.99
CA GLU F 122 9.88 22.59 24.00
C GLU F 122 9.24 22.94 25.34
N GLY F 123 9.83 23.90 26.04
CA GLY F 123 9.37 24.31 27.36
C GLY F 123 7.87 24.52 27.52
N LEU F 124 7.34 24.09 28.66
CA LEU F 124 5.92 24.17 28.95
C LEU F 124 5.51 25.54 29.48
N LYS F 125 4.61 26.20 28.77
CA LYS F 125 4.09 27.50 29.19
C LYS F 125 2.56 27.47 29.26
N MET F 126 2.00 27.41 30.47
CA MET F 126 0.56 27.37 30.64
C MET F 126 0.04 28.32 31.73
N GLU F 127 -1.22 28.14 32.11
CA GLU F 127 -1.83 28.91 33.20
C GLU F 127 -2.52 27.98 34.19
N GLY F 128 -2.80 28.50 35.39
CA GLY F 128 -3.47 27.73 36.42
C GLY F 128 -2.67 26.52 36.82
N ASP F 129 -3.32 25.59 37.50
CA ASP F 129 -2.67 24.35 37.90
C ASP F 129 -2.60 23.36 36.74
N ALA F 130 -2.22 22.12 37.04
CA ALA F 130 -2.13 21.06 36.03
C ALA F 130 -3.52 20.73 35.50
N SER F 131 -4.52 20.82 36.39
CA SER F 131 -5.90 20.54 36.01
C SER F 131 -6.44 21.57 35.02
N ASN F 132 -5.91 22.80 35.09
CA ASN F 132 -6.41 23.87 34.25
C ASN F 132 -6.03 23.67 32.78
N ASP F 133 -5.03 22.83 32.54
CA ASP F 133 -4.61 22.53 31.18
C ASP F 133 -3.96 21.16 31.11
N PRO F 134 -4.77 20.09 31.28
CA PRO F 134 -4.32 18.70 31.26
C PRO F 134 -3.73 18.28 29.91
N GLU F 135 -4.08 18.98 28.84
CA GLU F 135 -3.58 18.63 27.51
C GLU F 135 -2.19 19.18 27.26
N ALA F 136 -1.88 20.34 27.82
CA ALA F 136 -0.55 20.92 27.67
C ALA F 136 0.47 20.22 28.58
N VAL F 137 0.02 19.81 29.77
CA VAL F 137 0.87 19.04 30.67
C VAL F 137 1.24 17.71 30.02
N ALA F 138 0.25 17.07 29.42
CA ALA F 138 0.41 15.74 28.84
C ALA F 138 1.38 15.76 27.67
N SER F 139 1.24 16.78 26.81
CA SER F 139 2.08 16.92 25.64
C SER F 139 3.53 17.18 26.03
N PHE F 140 3.73 17.91 27.12
CA PHE F 140 5.08 18.19 27.60
C PHE F 140 5.73 16.91 28.14
N ALA F 141 4.97 16.17 28.94
CA ALA F 141 5.43 14.90 29.48
C ALA F 141 5.72 13.95 28.30
N GLU F 142 4.79 13.93 27.36
CA GLU F 142 4.95 13.14 26.14
C GLU F 142 6.32 13.35 25.50
N ASP F 143 6.69 14.62 25.26
CA ASP F 143 7.96 14.96 24.62
C ASP F 143 9.17 14.62 25.48
N VAL F 144 9.09 14.94 26.77
CA VAL F 144 10.17 14.58 27.70
C VAL F 144 10.36 13.07 27.73
N LEU F 145 9.24 12.34 27.82
CA LEU F 145 9.28 10.88 27.89
C LEU F 145 10.03 10.29 26.69
N LYS F 146 9.83 10.90 25.53
CA LYS F 146 10.43 10.40 24.29
C LYS F 146 11.95 10.50 24.31
N GLN F 147 12.48 11.32 25.21
CA GLN F 147 13.91 11.53 25.30
C GLN F 147 14.49 10.86 26.53
N LEU F 148 13.67 10.07 27.22
CA LEU F 148 14.11 9.40 28.43
C LEU F 148 14.64 8.01 28.13
N SER G 2 -14.88 -8.97 -43.58
CA SER G 2 -14.24 -7.67 -43.39
C SER G 2 -14.63 -7.08 -42.05
N LYS G 3 -13.74 -6.27 -41.47
CA LYS G 3 -14.08 -5.52 -40.27
C LYS G 3 -14.54 -4.10 -40.61
N VAL G 4 -15.79 -3.79 -40.26
CA VAL G 4 -16.36 -2.47 -40.52
C VAL G 4 -16.48 -1.66 -39.24
N LEU G 5 -16.27 -0.35 -39.34
CA LEU G 5 -16.44 0.53 -38.20
C LEU G 5 -17.53 1.54 -38.50
N ILE G 6 -18.58 1.54 -37.68
CA ILE G 6 -19.66 2.50 -37.85
C ILE G 6 -19.65 3.50 -36.71
N VAL G 7 -19.41 4.76 -37.05
CA VAL G 7 -19.33 5.84 -36.06
C VAL G 7 -20.40 6.87 -36.34
N PHE G 8 -21.14 7.27 -35.30
CA PHE G 8 -22.32 8.10 -35.48
C PHE G 8 -22.44 9.26 -34.50
N GLY G 9 -23.16 10.29 -34.93
CA GLY G 9 -23.54 11.41 -34.09
C GLY G 9 -25.05 11.54 -34.14
N SER G 10 -25.67 11.62 -32.97
CA SER G 10 -27.12 11.61 -32.85
C SER G 10 -27.57 12.36 -31.60
N SER G 11 -28.58 13.22 -31.75
CA SER G 11 -29.10 13.97 -30.62
C SER G 11 -30.41 13.39 -30.09
N THR G 12 -31.25 12.91 -31.00
CA THR G 12 -32.56 12.41 -30.62
C THR G 12 -32.77 10.94 -30.95
N GLY G 13 -31.67 10.26 -31.31
CA GLY G 13 -31.68 8.82 -31.48
C GLY G 13 -32.13 8.29 -32.83
N ASN G 14 -32.05 9.13 -33.86
CA ASN G 14 -32.48 8.71 -35.19
C ASN G 14 -31.34 8.21 -36.07
N THR G 15 -30.17 8.83 -35.94
CA THR G 15 -28.98 8.40 -36.66
C THR G 15 -28.41 7.14 -36.00
N GLU G 16 -28.58 7.06 -34.69
CA GLU G 16 -28.15 5.90 -33.93
C GLU G 16 -29.02 4.70 -34.30
N SER G 17 -30.33 4.91 -34.32
CA SER G 17 -31.28 3.89 -34.75
C SER G 17 -30.90 3.30 -36.11
N ILE G 18 -30.58 4.18 -37.05
CA ILE G 18 -30.15 3.75 -38.37
C ILE G 18 -28.81 3.04 -38.28
N ALA G 19 -27.92 3.54 -37.42
CA ALA G 19 -26.63 2.90 -37.16
C ALA G 19 -26.77 1.48 -36.63
N GLN G 20 -27.65 1.31 -35.63
CA GLN G 20 -27.95 -0.01 -35.09
C GLN G 20 -28.49 -0.94 -36.17
N LYS G 21 -29.39 -0.42 -37.00
CA LYS G 21 -29.99 -1.20 -38.07
C LYS G 21 -29.00 -1.57 -39.18
N LEU G 22 -27.96 -0.74 -39.36
CA LEU G 22 -26.92 -1.02 -40.33
C LEU G 22 -25.97 -2.10 -39.81
N GLU G 23 -25.63 -2.02 -38.53
CA GLU G 23 -24.79 -3.02 -37.90
C GLU G 23 -25.41 -4.41 -38.04
N GLU G 24 -26.72 -4.48 -37.88
CA GLU G 24 -27.42 -5.76 -38.02
C GLU G 24 -27.36 -6.30 -39.44
N LEU G 25 -27.54 -5.42 -40.42
CA LEU G 25 -27.58 -5.82 -41.82
C LEU G 25 -26.19 -6.10 -42.37
N ILE G 26 -25.19 -5.43 -41.80
CA ILE G 26 -23.81 -5.65 -42.22
C ILE G 26 -23.21 -6.84 -41.49
N ALA G 27 -23.80 -7.20 -40.35
CA ALA G 27 -23.39 -8.39 -39.63
C ALA G 27 -24.03 -9.60 -40.28
N ALA G 28 -25.27 -9.42 -40.74
CA ALA G 28 -25.99 -10.47 -41.44
C ALA G 28 -25.16 -10.88 -42.64
N GLY G 29 -24.36 -9.94 -43.15
CA GLY G 29 -23.47 -10.17 -44.26
C GLY G 29 -22.17 -10.86 -43.88
N GLY G 30 -22.08 -11.29 -42.63
CA GLY G 30 -20.93 -12.06 -42.17
C GLY G 30 -19.69 -11.25 -41.86
N HIS G 31 -19.82 -9.93 -41.82
CA HIS G 31 -18.69 -9.06 -41.52
C HIS G 31 -18.67 -8.69 -40.05
N GLU G 32 -17.49 -8.34 -39.55
CA GLU G 32 -17.33 -7.99 -38.15
C GLU G 32 -17.37 -6.47 -37.94
N VAL G 33 -18.52 -6.00 -37.45
CA VAL G 33 -18.71 -4.56 -37.25
C VAL G 33 -18.41 -4.14 -35.81
N THR G 34 -18.23 -2.84 -35.64
CA THR G 34 -18.02 -2.25 -34.33
C THR G 34 -18.77 -0.94 -34.31
N LEU G 35 -19.83 -0.87 -33.51
CA LEU G 35 -20.70 0.29 -33.49
C LEU G 35 -20.26 1.26 -32.39
N LEU G 36 -19.89 2.46 -32.80
CA LEU G 36 -19.22 3.40 -31.91
C LEU G 36 -19.81 4.80 -31.98
N ASN G 37 -20.14 5.35 -30.82
CA ASN G 37 -20.67 6.69 -30.73
C ASN G 37 -19.55 7.71 -30.88
N ALA G 38 -19.71 8.66 -31.80
CA ALA G 38 -18.67 9.66 -32.05
C ALA G 38 -18.16 10.23 -30.74
N ALA G 39 -19.09 10.52 -29.83
CA ALA G 39 -18.76 11.01 -28.50
C ALA G 39 -17.71 10.14 -27.81
N ASP G 40 -17.81 8.83 -28.01
CA ASP G 40 -16.88 7.87 -27.40
C ASP G 40 -15.63 7.63 -28.23
N ALA G 41 -15.55 8.29 -29.40
CA ALA G 41 -14.47 8.03 -30.34
C ALA G 41 -13.21 8.82 -30.02
N SER G 42 -12.07 8.26 -30.41
CA SER G 42 -10.77 8.92 -30.35
C SER G 42 -10.20 9.03 -31.76
N ALA G 43 -10.12 10.27 -32.28
CA ALA G 43 -9.77 10.50 -33.67
C ALA G 43 -8.44 9.86 -34.11
N GLU G 44 -7.51 9.73 -33.18
CA GLU G 44 -6.17 9.21 -33.50
C GLU G 44 -6.20 7.75 -33.95
N ASN G 45 -5.91 7.51 -35.22
CA ASN G 45 -5.85 6.15 -35.77
C ASN G 45 -7.12 5.35 -35.53
N LEU G 46 -8.27 6.00 -35.71
CA LEU G 46 -9.57 5.39 -35.42
C LEU G 46 -9.93 4.29 -36.41
N ALA G 47 -9.46 4.41 -37.64
CA ALA G 47 -9.83 3.46 -38.69
C ALA G 47 -8.86 2.29 -38.80
N ASP G 48 -7.72 2.37 -38.12
CA ASP G 48 -6.73 1.30 -38.21
C ASP G 48 -7.31 -0.06 -37.84
N GLY G 49 -7.35 -0.97 -38.81
CA GLY G 49 -7.85 -2.31 -38.58
C GLY G 49 -9.14 -2.60 -39.31
N TYR G 50 -9.75 -1.55 -39.87
CA TYR G 50 -11.04 -1.69 -40.51
C TYR G 50 -10.96 -1.50 -42.02
N ASP G 51 -11.63 -2.38 -42.74
CA ASP G 51 -11.68 -2.30 -44.21
C ASP G 51 -12.62 -1.18 -44.68
N ALA G 52 -13.54 -0.78 -43.80
CA ALA G 52 -14.51 0.25 -44.15
C ALA G 52 -15.00 1.02 -42.93
N VAL G 53 -15.24 2.32 -43.12
CA VAL G 53 -15.75 3.17 -42.06
C VAL G 53 -17.06 3.84 -42.49
N LEU G 54 -18.10 3.68 -41.69
CA LEU G 54 -19.39 4.33 -41.95
C LEU G 54 -19.67 5.46 -40.96
N PHE G 55 -19.83 6.68 -41.49
CA PHE G 55 -20.06 7.84 -40.65
C PHE G 55 -21.50 8.30 -40.69
N GLY G 56 -22.09 8.51 -39.51
CA GLY G 56 -23.45 9.02 -39.40
C GLY G 56 -23.48 10.30 -38.60
N CYS G 57 -24.28 11.26 -39.06
CA CYS G 57 -24.36 12.55 -38.39
C CYS G 57 -25.57 13.37 -38.85
N SER G 58 -26.40 13.74 -37.89
CA SER G 58 -27.54 14.59 -38.18
C SER G 58 -27.11 16.04 -38.10
N ALA G 59 -27.85 16.91 -38.78
CA ALA G 59 -27.55 18.33 -38.78
C ALA G 59 -28.53 19.07 -37.87
N TRP G 60 -28.11 20.24 -37.37
CA TRP G 60 -28.93 21.00 -36.43
C TRP G 60 -28.83 22.51 -36.61
N GLY G 61 -28.23 22.91 -37.72
CA GLY G 61 -28.11 24.32 -38.07
C GLY G 61 -29.36 24.83 -38.79
N MET G 62 -29.73 26.07 -38.50
CA MET G 62 -30.93 26.65 -39.10
C MET G 62 -30.63 27.19 -40.48
N GLU G 63 -29.75 28.17 -40.56
CA GLU G 63 -29.35 28.76 -41.83
C GLU G 63 -28.29 27.89 -42.50
N ASP G 64 -27.16 27.76 -41.83
CA ASP G 64 -26.01 27.02 -42.34
C ASP G 64 -26.07 25.55 -41.96
N LEU G 65 -25.07 24.81 -42.43
CA LEU G 65 -24.89 23.40 -42.05
C LEU G 65 -24.19 23.32 -40.71
N GLU G 66 -24.79 22.59 -39.77
CA GLU G 66 -24.23 22.42 -38.44
C GLU G 66 -24.27 20.96 -38.03
N MET G 67 -23.10 20.33 -37.98
CA MET G 67 -23.01 18.91 -37.64
C MET G 67 -23.37 18.65 -36.18
N GLN G 68 -24.10 17.56 -35.94
CA GLN G 68 -24.36 17.12 -34.58
C GLN G 68 -23.06 17.30 -33.81
N ASP G 69 -23.15 17.74 -32.56
CA ASP G 69 -21.98 18.21 -31.82
C ASP G 69 -20.88 17.16 -31.57
N ASP G 70 -21.28 15.94 -31.22
CA ASP G 70 -20.32 14.87 -30.93
C ASP G 70 -19.55 14.44 -32.18
N PHE G 71 -20.23 14.46 -33.31
CA PHE G 71 -19.57 14.11 -34.57
C PHE G 71 -18.79 15.29 -35.15
N LEU G 72 -19.22 16.50 -34.84
CA LEU G 72 -18.50 17.70 -35.29
C LEU G 72 -17.08 17.74 -34.74
N SER G 73 -16.95 17.41 -33.45
CA SER G 73 -15.64 17.33 -32.80
C SER G 73 -14.79 16.22 -33.42
N LEU G 74 -15.43 15.29 -34.11
CA LEU G 74 -14.71 14.21 -34.77
C LEU G 74 -14.46 14.51 -36.25
N PHE G 75 -15.35 15.29 -36.86
CA PHE G 75 -15.16 15.71 -38.23
C PHE G 75 -13.92 16.60 -38.29
N GLU G 76 -13.75 17.41 -37.25
CA GLU G 76 -12.63 18.35 -37.15
C GLU G 76 -11.28 17.66 -37.06
N GLU G 77 -11.30 16.35 -36.77
CA GLU G 77 -10.06 15.59 -36.67
C GLU G 77 -10.04 14.42 -37.65
N PHE G 78 -10.74 14.59 -38.77
CA PHE G 78 -10.80 13.57 -39.82
C PHE G 78 -9.42 13.26 -40.38
N ASP G 79 -8.50 14.21 -40.24
CA ASP G 79 -7.15 14.06 -40.74
C ASP G 79 -6.35 13.06 -39.92
N ARG G 80 -6.75 12.86 -38.67
CA ARG G 80 -6.01 11.99 -37.76
C ARG G 80 -6.54 10.56 -37.74
N ILE G 81 -7.67 10.34 -38.42
CA ILE G 81 -8.32 9.03 -38.42
C ILE G 81 -7.49 7.97 -39.15
N GLY G 82 -7.09 8.28 -40.38
CA GLY G 82 -6.41 7.32 -41.22
C GLY G 82 -7.35 6.75 -42.26
N LEU G 83 -7.95 7.64 -43.04
CA LEU G 83 -8.94 7.25 -44.04
C LEU G 83 -8.32 6.97 -45.41
N ALA G 84 -7.05 7.31 -45.57
CA ALA G 84 -6.35 7.06 -46.83
C ALA G 84 -6.45 5.59 -47.22
N GLY G 85 -7.09 5.35 -48.36
CA GLY G 85 -7.18 4.01 -48.92
C GLY G 85 -8.35 3.20 -48.42
N ARG G 86 -8.94 3.63 -47.32
CA ARG G 86 -10.06 2.91 -46.72
C ARG G 86 -11.38 3.29 -47.33
N LYS G 87 -12.25 2.29 -47.48
CA LYS G 87 -13.60 2.50 -47.98
C LYS G 87 -14.42 3.26 -46.95
N VAL G 88 -15.27 4.17 -47.44
CA VAL G 88 -16.06 5.02 -46.54
C VAL G 88 -17.44 5.29 -47.13
N ALA G 89 -18.44 5.41 -46.26
CA ALA G 89 -19.79 5.77 -46.67
C ALA G 89 -20.47 6.60 -45.57
N ALA G 90 -21.32 7.54 -45.98
CA ALA G 90 -21.99 8.42 -45.02
C ALA G 90 -23.49 8.18 -45.01
N PHE G 91 -24.11 8.38 -43.84
CA PHE G 91 -25.54 8.22 -43.70
C PHE G 91 -26.01 9.17 -42.60
N ALA G 92 -27.32 9.40 -42.52
CA ALA G 92 -27.84 10.35 -41.55
C ALA G 92 -29.35 10.39 -41.47
N SER G 93 -29.82 11.08 -40.45
CA SER G 93 -31.24 11.39 -40.32
C SER G 93 -31.39 12.89 -40.41
N GLY G 94 -32.49 13.33 -41.00
CA GLY G 94 -32.75 14.75 -41.16
C GLY G 94 -34.21 15.05 -41.42
N ASP G 95 -34.53 16.33 -41.52
CA ASP G 95 -35.87 16.78 -41.85
C ASP G 95 -35.80 17.55 -43.17
N GLN G 96 -36.69 17.23 -44.09
CA GLN G 96 -36.70 17.86 -45.40
C GLN G 96 -37.20 19.30 -45.34
N GLU G 97 -37.95 19.61 -44.28
CA GLU G 97 -38.40 20.98 -44.07
C GLU G 97 -37.26 21.87 -43.58
N TYR G 98 -36.02 21.44 -43.84
CA TYR G 98 -34.82 22.23 -43.54
C TYR G 98 -33.98 22.42 -44.80
N GLU G 99 -33.01 23.33 -44.71
CA GLU G 99 -32.30 23.80 -45.88
C GLU G 99 -31.04 23.00 -46.23
N HIS G 100 -30.60 22.15 -45.31
CA HIS G 100 -29.41 21.32 -45.54
C HIS G 100 -29.68 19.86 -45.21
N PHE G 101 -30.70 19.31 -45.87
CA PHE G 101 -31.15 17.94 -45.62
C PHE G 101 -30.00 16.93 -45.62
N CYS G 102 -29.76 16.33 -44.46
CA CYS G 102 -28.67 15.38 -44.28
C CYS G 102 -27.41 15.87 -44.96
N GLY G 103 -27.20 17.18 -44.88
CA GLY G 103 -26.08 17.84 -45.55
C GLY G 103 -24.74 17.58 -44.89
N ALA G 104 -24.75 16.74 -43.86
CA ALA G 104 -23.52 16.32 -43.21
C ALA G 104 -22.95 15.15 -44.01
N VAL G 105 -23.80 14.57 -44.86
CA VAL G 105 -23.42 13.44 -45.70
C VAL G 105 -22.42 13.82 -46.79
N PRO G 106 -22.78 14.81 -47.64
CA PRO G 106 -21.80 15.32 -48.60
C PRO G 106 -20.55 15.87 -47.91
N ALA G 107 -20.73 16.52 -46.77
CA ALA G 107 -19.59 17.08 -46.03
C ALA G 107 -18.60 15.97 -45.65
N ILE G 108 -19.14 14.85 -45.17
CA ILE G 108 -18.33 13.72 -44.73
C ILE G 108 -17.58 13.09 -45.90
N GLU G 109 -18.29 12.89 -47.00
CA GLU G 109 -17.72 12.24 -48.17
C GLU G 109 -16.58 13.03 -48.80
N GLU G 110 -16.85 14.28 -49.17
CA GLU G 110 -15.85 15.18 -49.74
C GLU G 110 -14.58 15.18 -48.88
N ARG G 111 -14.74 15.53 -47.61
CA ARG G 111 -13.63 15.54 -46.67
C ARG G 111 -12.86 14.22 -46.71
N ALA G 112 -13.59 13.12 -46.94
CA ALA G 112 -13.01 11.77 -46.95
C ALA G 112 -12.29 11.45 -48.27
N LYS G 113 -12.88 11.82 -49.39
CA LYS G 113 -12.21 11.66 -50.68
C LYS G 113 -10.95 12.52 -50.70
N GLU G 114 -11.02 13.66 -50.03
CA GLU G 114 -9.88 14.58 -49.93
C GLU G 114 -8.72 13.94 -49.18
N LEU G 115 -9.05 13.08 -48.21
CA LEU G 115 -8.02 12.43 -47.41
C LEU G 115 -7.62 11.08 -48.01
N GLY G 116 -8.11 10.81 -49.21
CA GLY G 116 -7.71 9.63 -49.96
C GLY G 116 -8.58 8.41 -49.74
N ALA G 117 -9.76 8.62 -49.15
CA ALA G 117 -10.67 7.52 -48.88
C ALA G 117 -11.51 7.19 -50.11
N THR G 118 -11.98 5.95 -50.18
CA THR G 118 -12.80 5.53 -51.30
C THR G 118 -14.27 5.35 -50.90
N ILE G 119 -15.13 6.23 -51.40
CA ILE G 119 -16.56 6.06 -51.18
C ILE G 119 -17.03 4.78 -51.88
N ILE G 120 -17.77 3.95 -51.17
CA ILE G 120 -18.20 2.68 -51.73
C ILE G 120 -19.71 2.63 -51.95
N ALA G 121 -20.38 3.76 -51.72
CA ALA G 121 -21.82 3.80 -51.83
C ALA G 121 -22.33 5.22 -51.78
N GLU G 122 -23.50 5.44 -52.39
CA GLU G 122 -24.13 6.76 -52.38
C GLU G 122 -24.69 7.04 -51.01
N GLY G 123 -24.27 8.16 -50.42
CA GLY G 123 -24.71 8.55 -49.09
C GLY G 123 -26.17 8.29 -48.79
N LEU G 124 -26.47 7.99 -47.53
CA LEU G 124 -27.84 7.68 -47.13
C LEU G 124 -28.53 8.86 -46.45
N LYS G 125 -29.48 9.47 -47.15
CA LYS G 125 -30.22 10.61 -46.62
C LYS G 125 -31.67 10.23 -46.38
N MET G 126 -32.08 10.14 -45.12
CA MET G 126 -33.46 9.83 -44.79
C MET G 126 -33.99 10.69 -43.64
N GLU G 127 -35.19 10.36 -43.18
CA GLU G 127 -35.81 11.03 -42.05
C GLU G 127 -36.07 10.05 -40.91
N GLY G 128 -36.18 10.58 -39.70
CA GLY G 128 -36.55 9.78 -38.54
C GLY G 128 -35.59 8.64 -38.27
N ASP G 129 -36.09 7.62 -37.57
CA ASP G 129 -35.30 6.44 -37.27
C ASP G 129 -35.31 5.43 -38.43
N ALA G 130 -34.72 4.26 -38.22
CA ALA G 130 -34.59 3.26 -39.29
C ALA G 130 -35.91 2.59 -39.63
N SER G 131 -36.87 2.68 -38.72
CA SER G 131 -38.18 2.08 -38.93
C SER G 131 -39.02 2.96 -39.83
N ASN G 132 -38.66 4.24 -39.88
CA ASN G 132 -39.40 5.22 -40.66
C ASN G 132 -39.15 5.09 -42.15
N ASP G 133 -38.11 4.35 -42.51
CA ASP G 133 -37.73 4.16 -43.91
C ASP G 133 -36.77 2.98 -44.05
N PRO G 134 -37.27 1.76 -43.80
CA PRO G 134 -36.45 0.54 -43.79
C PRO G 134 -35.92 0.17 -45.16
N GLU G 135 -36.61 0.57 -46.22
CA GLU G 135 -36.17 0.28 -47.58
C GLU G 135 -34.91 1.07 -47.89
N ALA G 136 -34.88 2.32 -47.44
CA ALA G 136 -33.70 3.17 -47.62
C ALA G 136 -32.53 2.65 -46.82
N VAL G 137 -32.79 2.19 -45.59
CA VAL G 137 -31.74 1.58 -44.79
C VAL G 137 -31.20 0.36 -45.52
N ALA G 138 -32.11 -0.54 -45.90
CA ALA G 138 -31.78 -1.76 -46.62
C ALA G 138 -30.93 -1.49 -47.87
N SER G 139 -31.47 -0.69 -48.78
CA SER G 139 -30.76 -0.33 -50.01
C SER G 139 -29.33 0.12 -49.74
N PHE G 140 -29.14 0.96 -48.73
CA PHE G 140 -27.82 1.46 -48.38
C PHE G 140 -26.87 0.38 -47.87
N ALA G 141 -27.39 -0.45 -46.97
CA ALA G 141 -26.62 -1.58 -46.44
C ALA G 141 -26.31 -2.52 -47.58
N GLU G 142 -27.24 -2.57 -48.54
CA GLU G 142 -27.10 -3.41 -49.72
C GLU G 142 -25.89 -2.97 -50.54
N ASP G 143 -25.76 -1.66 -50.75
CA ASP G 143 -24.67 -1.12 -51.57
C ASP G 143 -23.34 -1.12 -50.85
N VAL G 144 -23.38 -1.02 -49.52
CA VAL G 144 -22.17 -1.10 -48.71
C VAL G 144 -21.63 -2.53 -48.73
N LEU G 145 -22.54 -3.49 -48.62
CA LEU G 145 -22.17 -4.90 -48.58
C LEU G 145 -21.53 -5.39 -49.87
N LYS G 146 -21.98 -4.86 -51.01
CA LYS G 146 -21.41 -5.24 -52.30
C LYS G 146 -19.93 -4.89 -52.40
N GLN G 147 -19.50 -3.92 -51.60
CA GLN G 147 -18.14 -3.40 -51.69
C GLN G 147 -17.23 -4.00 -50.63
N LEU G 148 -17.79 -4.78 -49.73
CA LEU G 148 -17.01 -5.37 -48.64
C LEU G 148 -16.39 -6.70 -49.05
N SER H 2 33.42 -37.13 -9.64
CA SER H 2 33.53 -36.52 -10.96
C SER H 2 34.91 -35.92 -11.22
N LYS H 3 35.28 -35.87 -12.49
CA LYS H 3 36.56 -35.36 -12.89
C LYS H 3 36.40 -33.98 -13.51
N VAL H 4 36.99 -32.97 -12.87
CA VAL H 4 36.84 -31.59 -13.31
C VAL H 4 38.16 -30.98 -13.79
N LEU H 5 38.09 -30.24 -14.88
CA LEU H 5 39.23 -29.52 -15.41
C LEU H 5 39.04 -28.00 -15.32
N ILE H 6 39.85 -27.34 -14.51
CA ILE H 6 39.81 -25.89 -14.47
C ILE H 6 40.96 -25.30 -15.28
N VAL H 7 40.61 -24.68 -16.41
CA VAL H 7 41.58 -24.00 -17.26
C VAL H 7 41.37 -22.51 -17.16
N PHE H 8 42.45 -21.78 -16.92
CA PHE H 8 42.33 -20.35 -16.69
C PHE H 8 43.40 -19.57 -17.43
N GLY H 9 43.10 -18.32 -17.72
CA GLY H 9 44.09 -17.39 -18.21
C GLY H 9 44.21 -16.27 -17.20
N SER H 10 45.38 -16.15 -16.58
CA SER H 10 45.62 -15.11 -15.60
C SER H 10 46.91 -14.33 -15.94
N SER H 11 46.83 -13.00 -15.97
CA SER H 11 47.99 -12.17 -16.29
C SER H 11 48.58 -11.49 -15.06
N THR H 12 47.77 -11.27 -14.04
CA THR H 12 48.27 -10.81 -12.76
C THR H 12 47.92 -11.74 -11.59
N GLY H 13 47.38 -12.92 -11.93
CA GLY H 13 47.20 -13.96 -10.94
C GLY H 13 45.84 -13.99 -10.23
N ASN H 14 45.01 -13.00 -10.50
CA ASN H 14 43.70 -12.91 -9.87
C ASN H 14 42.79 -14.07 -10.26
N THR H 15 42.64 -14.30 -11.56
CA THR H 15 41.84 -15.41 -12.06
C THR H 15 42.47 -16.76 -11.70
N GLU H 16 43.81 -16.80 -11.65
CA GLU H 16 44.54 -18.00 -11.24
C GLU H 16 44.21 -18.31 -9.79
N SER H 17 44.13 -17.27 -8.99
CA SER H 17 43.78 -17.40 -7.58
C SER H 17 42.35 -17.89 -7.36
N ILE H 18 41.41 -17.40 -8.18
CA ILE H 18 40.04 -17.87 -8.10
C ILE H 18 39.99 -19.36 -8.48
N ALA H 19 40.88 -19.77 -9.38
CA ALA H 19 40.95 -21.15 -9.84
C ALA H 19 41.56 -22.09 -8.80
N GLN H 20 42.57 -21.63 -8.08
CA GLN H 20 43.15 -22.43 -6.99
C GLN H 20 42.06 -22.72 -5.95
N LYS H 21 41.39 -21.66 -5.51
CA LYS H 21 40.29 -21.75 -4.55
C LYS H 21 39.17 -22.70 -4.97
N LEU H 22 38.72 -22.56 -6.22
CA LEU H 22 37.69 -23.43 -6.77
C LEU H 22 38.12 -24.90 -6.69
N GLU H 23 39.36 -25.18 -7.06
CA GLU H 23 39.89 -26.52 -6.93
C GLU H 23 39.83 -27.02 -5.48
N GLU H 24 40.06 -26.11 -4.54
CA GLU H 24 40.00 -26.45 -3.13
C GLU H 24 38.56 -26.82 -2.75
N LEU H 25 37.62 -26.00 -3.18
CA LEU H 25 36.22 -26.19 -2.78
C LEU H 25 35.54 -27.33 -3.56
N ILE H 26 36.10 -27.68 -4.71
CA ILE H 26 35.49 -28.72 -5.55
C ILE H 26 35.99 -30.12 -5.20
N ALA H 27 37.25 -30.21 -4.78
CA ALA H 27 37.78 -31.46 -4.25
C ALA H 27 37.11 -31.76 -2.91
N ALA H 28 36.91 -30.72 -2.10
CA ALA H 28 36.20 -30.85 -0.84
C ALA H 28 34.80 -31.42 -1.07
N GLY H 29 34.36 -31.39 -2.33
CA GLY H 29 33.05 -31.87 -2.69
C GLY H 29 33.08 -33.34 -3.08
N GLY H 30 34.28 -33.90 -3.13
CA GLY H 30 34.47 -35.29 -3.51
C GLY H 30 34.76 -35.47 -5.00
N HIS H 31 35.76 -34.75 -5.50
CA HIS H 31 36.09 -34.78 -6.92
C HIS H 31 37.58 -34.70 -7.19
N GLU H 32 37.99 -35.21 -8.34
CA GLU H 32 39.38 -35.09 -8.75
C GLU H 32 39.47 -33.91 -9.70
N VAL H 33 40.17 -32.88 -9.26
CA VAL H 33 40.30 -31.65 -10.03
C VAL H 33 41.68 -31.53 -10.64
N THR H 34 41.73 -31.07 -11.88
CA THR H 34 42.99 -30.79 -12.55
C THR H 34 43.06 -29.31 -12.81
N LEU H 35 44.12 -28.68 -12.34
CA LEU H 35 44.31 -27.25 -12.53
C LEU H 35 45.28 -27.04 -13.69
N LEU H 36 44.84 -26.29 -14.71
CA LEU H 36 45.66 -26.06 -15.89
C LEU H 36 45.76 -24.58 -16.19
N ASN H 37 46.94 -24.15 -16.61
CA ASN H 37 47.11 -22.79 -17.08
C ASN H 37 46.90 -22.77 -18.59
N ALA H 38 46.10 -21.82 -19.07
CA ALA H 38 45.79 -21.70 -20.50
C ALA H 38 47.03 -21.45 -21.35
N ALA H 39 48.12 -21.00 -20.72
CA ALA H 39 49.36 -20.76 -21.44
C ALA H 39 50.11 -22.07 -21.63
N ASP H 40 49.73 -23.08 -20.84
CA ASP H 40 50.32 -24.40 -20.94
C ASP H 40 49.39 -25.39 -21.66
N ALA H 41 48.24 -24.90 -22.12
CA ALA H 41 47.20 -25.77 -22.68
C ALA H 41 47.32 -26.04 -24.18
N SER H 42 46.68 -27.12 -24.61
CA SER H 42 46.55 -27.47 -26.03
C SER H 42 45.09 -27.79 -26.29
N ALA H 43 44.46 -27.01 -27.15
CA ALA H 43 43.03 -27.15 -27.40
C ALA H 43 42.65 -28.56 -27.80
N GLU H 44 43.43 -29.15 -28.69
CA GLU H 44 43.11 -30.47 -29.26
C GLU H 44 42.82 -31.52 -28.19
N ASN H 45 41.55 -31.91 -28.12
CA ASN H 45 41.08 -32.96 -27.20
C ASN H 45 41.33 -32.66 -25.72
N LEU H 46 41.25 -31.38 -25.34
CA LEU H 46 41.56 -30.97 -23.98
C LEU H 46 40.61 -31.57 -22.95
N ALA H 47 39.36 -31.78 -23.35
CA ALA H 47 38.32 -32.22 -22.41
C ALA H 47 38.22 -33.74 -22.26
N ASP H 48 38.97 -34.49 -23.06
CA ASP H 48 38.93 -35.95 -23.01
C ASP H 48 39.09 -36.50 -21.59
N GLY H 49 38.08 -37.24 -21.15
CA GLY H 49 38.11 -37.86 -19.84
C GLY H 49 37.63 -36.97 -18.72
N TYR H 50 37.12 -35.79 -19.08
CA TYR H 50 36.67 -34.84 -18.07
C TYR H 50 35.14 -34.74 -18.02
N ASP H 51 34.58 -34.88 -16.83
CA ASP H 51 33.14 -34.82 -16.66
C ASP H 51 32.65 -33.38 -16.79
N ALA H 52 33.52 -32.44 -16.44
CA ALA H 52 33.21 -31.01 -16.50
C ALA H 52 34.46 -30.16 -16.73
N VAL H 53 34.30 -29.05 -17.45
CA VAL H 53 35.41 -28.12 -17.67
C VAL H 53 35.06 -26.69 -17.25
N LEU H 54 35.82 -26.14 -16.31
CA LEU H 54 35.64 -24.76 -15.89
C LEU H 54 36.66 -23.86 -16.58
N PHE H 55 36.18 -22.80 -17.21
CA PHE H 55 37.02 -21.87 -17.96
C PHE H 55 37.13 -20.55 -17.23
N GLY H 56 38.35 -20.10 -16.98
CA GLY H 56 38.57 -18.82 -16.33
C GLY H 56 39.31 -17.84 -17.21
N CYS H 57 38.71 -16.68 -17.46
CA CYS H 57 39.31 -15.69 -18.33
C CYS H 57 39.11 -14.27 -17.79
N SER H 58 40.22 -13.60 -17.48
CA SER H 58 40.17 -12.22 -17.01
C SER H 58 39.89 -11.25 -18.14
N ALA H 59 39.36 -10.09 -17.79
CA ALA H 59 38.97 -9.11 -18.79
C ALA H 59 40.08 -8.11 -19.09
N TRP H 60 40.35 -7.89 -20.38
CA TRP H 60 41.35 -6.90 -20.78
C TRP H 60 40.83 -6.09 -21.96
N GLY H 61 40.34 -4.90 -21.65
CA GLY H 61 39.65 -4.06 -22.61
C GLY H 61 40.44 -3.62 -23.83
N MET H 62 41.70 -3.25 -23.61
CA MET H 62 42.48 -2.60 -24.66
C MET H 62 43.07 -3.56 -25.69
N GLU H 63 44.35 -3.33 -25.99
CA GLU H 63 45.06 -3.99 -27.09
C GLU H 63 44.60 -5.41 -27.43
N ASP H 64 44.25 -6.17 -26.39
CA ASP H 64 44.22 -7.62 -26.50
C ASP H 64 42.90 -8.27 -26.88
N LEU H 65 42.29 -7.78 -27.93
CA LEU H 65 41.08 -8.34 -28.44
C LEU H 65 40.06 -8.82 -27.36
N GLU H 66 39.81 -7.99 -26.32
CA GLU H 66 38.95 -8.19 -25.11
C GLU H 66 39.30 -9.50 -24.25
N MET H 67 40.00 -10.58 -24.76
CA MET H 67 40.27 -11.66 -23.85
C MET H 67 41.71 -11.59 -23.34
N GLN H 68 41.98 -12.26 -22.23
CA GLN H 68 43.33 -12.47 -21.73
C GLN H 68 44.17 -13.24 -22.75
N ASP H 69 45.37 -12.71 -23.01
CA ASP H 69 46.38 -13.32 -23.87
C ASP H 69 46.20 -14.82 -24.10
N ASP H 70 46.61 -15.59 -23.10
CA ASP H 70 46.71 -17.04 -23.19
C ASP H 70 45.36 -17.72 -23.41
N PHE H 71 44.29 -17.11 -22.91
CA PHE H 71 42.95 -17.70 -23.07
C PHE H 71 42.38 -17.47 -24.45
N LEU H 72 42.70 -16.32 -25.05
CA LEU H 72 42.28 -16.01 -26.40
C LEU H 72 42.72 -17.06 -27.43
N SER H 73 43.97 -17.51 -27.33
CA SER H 73 44.46 -18.57 -28.21
C SER H 73 43.68 -19.86 -28.00
N LEU H 74 43.31 -20.15 -26.75
CA LEU H 74 42.56 -21.34 -26.43
C LEU H 74 41.13 -21.23 -26.95
N PHE H 75 40.46 -20.16 -26.52
CA PHE H 75 39.10 -19.87 -26.94
C PHE H 75 38.91 -20.06 -28.44
N GLU H 76 39.79 -19.42 -29.22
CA GLU H 76 39.68 -19.44 -30.68
C GLU H 76 39.70 -20.84 -31.24
N GLU H 77 40.08 -21.81 -30.42
CA GLU H 77 40.12 -23.20 -30.83
C GLU H 77 39.20 -24.03 -29.96
N PHE H 78 38.08 -23.45 -29.55
CA PHE H 78 37.14 -24.15 -28.70
C PHE H 78 36.62 -25.44 -29.32
N ASP H 79 36.36 -25.40 -30.62
CA ASP H 79 35.78 -26.56 -31.31
C ASP H 79 36.74 -27.75 -31.41
N ARG H 80 37.99 -27.55 -31.03
CA ARG H 80 38.95 -28.65 -31.04
C ARG H 80 39.03 -29.29 -29.65
N ILE H 81 38.40 -28.65 -28.67
CA ILE H 81 38.50 -29.08 -27.29
C ILE H 81 37.69 -30.33 -27.00
N GLY H 82 36.56 -30.49 -27.67
CA GLY H 82 35.70 -31.64 -27.48
C GLY H 82 34.67 -31.42 -26.39
N LEU H 83 34.00 -30.28 -26.44
CA LEU H 83 33.08 -29.89 -25.39
C LEU H 83 31.70 -30.51 -25.51
N ALA H 84 31.43 -31.14 -26.66
CA ALA H 84 30.10 -31.69 -26.92
C ALA H 84 29.71 -32.63 -25.79
N GLY H 85 28.57 -32.36 -25.16
CA GLY H 85 28.04 -33.22 -24.11
C GLY H 85 28.78 -33.20 -22.80
N ARG H 86 29.57 -32.16 -22.56
CA ARG H 86 30.26 -32.00 -21.29
C ARG H 86 29.65 -30.85 -20.50
N LYS H 87 29.85 -30.89 -19.19
CA LYS H 87 29.38 -29.82 -18.31
C LYS H 87 30.42 -28.70 -18.35
N VAL H 88 29.95 -27.47 -18.42
CA VAL H 88 30.84 -26.33 -18.58
C VAL H 88 30.35 -25.15 -17.76
N ALA H 89 31.29 -24.29 -17.35
CA ALA H 89 30.94 -23.07 -16.66
C ALA H 89 32.07 -22.07 -16.79
N ALA H 90 31.76 -20.79 -16.56
CA ALA H 90 32.73 -19.72 -16.74
C ALA H 90 32.93 -18.90 -15.47
N PHE H 91 34.15 -18.40 -15.28
CA PHE H 91 34.42 -17.42 -14.22
C PHE H 91 35.49 -16.43 -14.67
N ALA H 92 35.53 -15.26 -14.06
CA ALA H 92 36.49 -14.25 -14.45
C ALA H 92 36.77 -13.29 -13.32
N SER H 93 37.95 -12.68 -13.35
CA SER H 93 38.27 -11.55 -12.50
C SER H 93 38.40 -10.28 -13.36
N GLY H 94 37.83 -9.17 -12.87
CA GLY H 94 37.85 -7.95 -13.63
C GLY H 94 37.70 -6.74 -12.76
N ASP H 95 37.39 -5.60 -13.38
CA ASP H 95 37.17 -4.35 -12.67
C ASP H 95 35.90 -3.67 -13.14
N GLN H 96 34.99 -3.42 -12.21
CA GLN H 96 33.72 -2.77 -12.48
C GLN H 96 33.90 -1.38 -13.10
N GLU H 97 35.04 -0.75 -12.80
CA GLU H 97 35.28 0.61 -13.26
C GLU H 97 35.48 0.70 -14.78
N TYR H 98 35.40 -0.42 -15.46
CA TYR H 98 35.50 -0.46 -16.92
C TYR H 98 34.12 -0.64 -17.53
N GLU H 99 33.94 -0.22 -18.78
CA GLU H 99 32.63 -0.26 -19.40
C GLU H 99 32.08 -1.68 -19.48
N HIS H 100 32.96 -2.65 -19.67
CA HIS H 100 32.53 -4.03 -19.89
C HIS H 100 33.18 -5.00 -18.92
N PHE H 101 32.43 -5.37 -17.90
CA PHE H 101 32.91 -6.13 -16.75
C PHE H 101 32.84 -7.64 -16.96
N CYS H 102 33.99 -8.26 -17.21
CA CYS H 102 34.10 -9.70 -17.38
C CYS H 102 33.31 -10.24 -18.58
N GLY H 103 33.46 -9.62 -19.74
CA GLY H 103 32.68 -10.01 -20.91
C GLY H 103 33.00 -11.37 -21.51
N ALA H 104 34.16 -11.89 -21.20
CA ALA H 104 34.53 -13.22 -21.68
C ALA H 104 33.65 -14.32 -21.08
N VAL H 105 32.93 -14.00 -20.00
CA VAL H 105 32.07 -15.00 -19.36
C VAL H 105 30.91 -15.39 -20.28
N PRO H 106 30.02 -14.45 -20.60
CA PRO H 106 28.95 -14.79 -21.55
C PRO H 106 29.51 -15.37 -22.85
N ALA H 107 30.59 -14.80 -23.36
CA ALA H 107 31.21 -15.29 -24.60
C ALA H 107 31.58 -16.77 -24.51
N ILE H 108 32.15 -17.17 -23.37
CA ILE H 108 32.54 -18.57 -23.17
C ILE H 108 31.32 -19.46 -23.10
N GLU H 109 30.35 -19.06 -22.30
CA GLU H 109 29.10 -19.80 -22.13
C GLU H 109 28.39 -19.99 -23.47
N GLU H 110 28.39 -18.92 -24.25
CA GLU H 110 27.79 -18.90 -25.56
C GLU H 110 28.43 -19.93 -26.49
N ARG H 111 29.76 -19.89 -26.57
CA ARG H 111 30.48 -20.75 -27.51
C ARG H 111 30.43 -22.21 -27.11
N ALA H 112 30.64 -22.49 -25.83
CA ALA H 112 30.58 -23.86 -25.32
C ALA H 112 29.20 -24.45 -25.59
N LYS H 113 28.18 -23.64 -25.34
CA LYS H 113 26.80 -24.06 -25.56
C LYS H 113 26.55 -24.35 -27.03
N GLU H 114 27.07 -23.48 -27.90
CA GLU H 114 26.97 -23.67 -29.35
C GLU H 114 27.57 -25.01 -29.74
N LEU H 115 28.56 -25.47 -28.96
CA LEU H 115 29.31 -26.67 -29.31
C LEU H 115 28.80 -27.91 -28.59
N GLY H 116 27.55 -27.89 -28.16
CA GLY H 116 26.93 -29.05 -27.54
C GLY H 116 27.12 -29.16 -26.03
N ALA H 117 27.90 -28.25 -25.44
CA ALA H 117 28.17 -28.33 -24.02
C ALA H 117 26.97 -27.91 -23.19
N THR H 118 27.00 -28.23 -21.89
CA THR H 118 25.91 -27.85 -21.01
C THR H 118 26.39 -26.94 -19.88
N ILE H 119 25.91 -25.70 -19.91
CA ILE H 119 26.23 -24.72 -18.87
C ILE H 119 25.56 -25.20 -17.60
N ILE H 120 26.34 -25.44 -16.55
CA ILE H 120 25.81 -26.01 -15.31
C ILE H 120 25.73 -25.00 -14.18
N ALA H 121 26.37 -23.85 -14.37
CA ALA H 121 26.34 -22.79 -13.38
C ALA H 121 26.38 -21.43 -14.04
N GLU H 122 25.79 -20.44 -13.37
CA GLU H 122 25.84 -19.07 -13.83
C GLU H 122 27.26 -18.50 -13.71
N GLY H 123 27.65 -17.69 -14.69
CA GLY H 123 29.01 -17.20 -14.78
C GLY H 123 29.47 -16.42 -13.58
N LEU H 124 30.69 -16.70 -13.12
CA LEU H 124 31.24 -15.95 -12.00
C LEU H 124 31.93 -14.69 -12.50
N LYS H 125 31.35 -13.55 -12.17
CA LYS H 125 31.96 -12.26 -12.45
C LYS H 125 32.25 -11.57 -11.13
N MET H 126 33.52 -11.34 -10.85
CA MET H 126 33.94 -10.70 -9.62
C MET H 126 35.22 -9.94 -9.84
N GLU H 127 35.60 -9.13 -8.85
CA GLU H 127 36.86 -8.41 -8.90
C GLU H 127 37.95 -9.08 -8.06
N GLY H 128 39.16 -8.53 -8.12
CA GLY H 128 40.26 -9.00 -7.29
C GLY H 128 40.53 -10.49 -7.31
N ASP H 129 41.23 -10.99 -6.31
CA ASP H 129 41.50 -12.42 -6.20
C ASP H 129 40.48 -13.17 -5.33
N ALA H 130 40.66 -14.48 -5.21
CA ALA H 130 39.69 -15.32 -4.53
C ALA H 130 39.40 -14.86 -3.12
N SER H 131 40.38 -14.19 -2.51
CA SER H 131 40.26 -13.74 -1.13
C SER H 131 39.46 -12.44 -1.06
N ASN H 132 39.44 -11.70 -2.16
CA ASN H 132 38.68 -10.47 -2.22
C ASN H 132 37.20 -10.72 -2.15
N ASP H 133 36.77 -11.91 -2.59
CA ASP H 133 35.35 -12.20 -2.62
C ASP H 133 35.09 -13.68 -2.44
N PRO H 134 35.34 -14.20 -1.24
CA PRO H 134 35.13 -15.62 -0.96
C PRO H 134 33.68 -16.08 -1.19
N GLU H 135 32.71 -15.28 -0.77
CA GLU H 135 31.31 -15.65 -0.89
C GLU H 135 30.86 -15.86 -2.33
N ALA H 136 31.29 -14.99 -3.23
CA ALA H 136 30.96 -15.13 -4.65
C ALA H 136 31.64 -16.37 -5.22
N VAL H 137 32.92 -16.52 -4.93
CA VAL H 137 33.66 -17.72 -5.31
C VAL H 137 32.89 -18.96 -4.88
N ALA H 138 32.58 -19.02 -3.60
CA ALA H 138 31.96 -20.20 -2.97
C ALA H 138 30.54 -20.47 -3.44
N SER H 139 29.89 -19.45 -4.00
CA SER H 139 28.58 -19.66 -4.59
C SER H 139 28.79 -20.41 -5.91
N PHE H 140 29.72 -19.91 -6.72
CA PHE H 140 30.06 -20.54 -7.99
C PHE H 140 30.31 -22.04 -7.80
N ALA H 141 31.24 -22.39 -6.91
CA ALA H 141 31.62 -23.78 -6.70
C ALA H 141 30.43 -24.64 -6.26
N GLU H 142 29.66 -24.14 -5.30
CA GLU H 142 28.46 -24.84 -4.86
C GLU H 142 27.55 -25.10 -6.05
N ASP H 143 27.28 -24.05 -6.80
CA ASP H 143 26.42 -24.15 -7.98
C ASP H 143 26.89 -25.24 -8.92
N VAL H 144 28.21 -25.36 -9.03
CA VAL H 144 28.82 -26.37 -9.88
C VAL H 144 28.70 -27.75 -9.23
N LEU H 145 28.96 -27.81 -7.93
CA LEU H 145 28.89 -29.08 -7.21
C LEU H 145 27.50 -29.68 -7.24
N LYS H 146 26.48 -28.82 -7.38
CA LYS H 146 25.11 -29.29 -7.46
C LYS H 146 24.80 -29.96 -8.78
N GLN H 147 25.67 -29.77 -9.78
CA GLN H 147 25.47 -30.39 -11.10
C GLN H 147 26.42 -31.54 -11.38
N LEU H 148 27.33 -31.80 -10.44
CA LEU H 148 28.31 -32.89 -10.60
C LEU H 148 27.85 -34.15 -9.88
N1 FMN I . 21.82 -19.22 2.98
C2 FMN I . 21.23 -19.31 4.23
O2 FMN I . 20.08 -18.91 4.41
N3 FMN I . 21.93 -19.85 5.30
C4 FMN I . 23.23 -20.31 5.12
O4 FMN I . 23.70 -21.07 5.96
C4A FMN I . 23.81 -20.22 3.85
N5 FMN I . 25.12 -20.67 3.66
C5A FMN I . 25.69 -20.57 2.41
C6 FMN I . 26.99 -21.03 2.21
C7 FMN I . 27.59 -20.94 0.96
C7M FMN I . 28.99 -21.41 0.75
C8 FMN I . 26.88 -20.40 -0.11
C8M FMN I . 27.31 -20.75 -1.51
C9 FMN I . 25.58 -19.94 0.10
C9A FMN I . 24.98 -20.03 1.34
N10 FMN I . 23.69 -19.57 1.54
C10 FMN I . 23.11 -19.67 2.79
C1' FMN I . 22.81 -19.33 0.35
C2' FMN I . 22.93 -17.89 -0.10
O2' FMN I . 22.65 -17.07 1.02
C3' FMN I . 21.96 -17.59 -1.24
O3' FMN I . 22.54 -17.97 -2.47
C4' FMN I . 21.58 -16.10 -1.28
O4' FMN I . 20.46 -15.94 -2.12
C5' FMN I . 22.72 -15.24 -1.79
O5' FMN I . 22.45 -13.91 -1.38
P FMN I . 23.08 -12.64 -2.14
O1P FMN I . 23.22 -12.95 -3.60
O2P FMN I . 24.42 -12.30 -1.54
O3P FMN I . 22.15 -11.46 -2.02
N1 FMN J . -5.57 -10.45 0.36
C2 FMN J . -6.85 -10.55 -0.17
O2 FMN J . -7.71 -11.19 0.43
N3 FMN J . -7.15 -9.95 -1.36
C4 FMN J . -6.20 -9.23 -2.06
O4 FMN J . -6.56 -8.50 -2.98
C4A FMN J . -4.92 -9.12 -1.54
N5 FMN J . -3.94 -8.42 -2.21
C5A FMN J . -2.67 -8.31 -1.69
C6 FMN J . -1.70 -7.59 -2.37
C7 FMN J . -0.41 -7.48 -1.85
C7M FMN J . 0.69 -6.93 -2.71
C8 FMN J . -0.11 -8.08 -0.64
C8M FMN J . 1.19 -7.75 0.03
C9 FMN J . -1.08 -8.80 0.05
C9A FMN J . -2.36 -8.92 -0.48
N10 FMN J . -3.33 -9.62 0.20
C10 FMN J . -4.60 -9.73 -0.32
C1' FMN J . -3.12 -9.98 1.64
C2' FMN J . -2.43 -11.35 1.75
O2' FMN J . -3.20 -12.31 1.06
C3' FMN J . -2.26 -11.72 3.21
O3' FMN J . -1.06 -11.14 3.68
C4' FMN J . -2.25 -13.23 3.44
O4' FMN J . -2.30 -13.52 4.83
C5' FMN J . -1.01 -13.87 2.85
O5' FMN J . -1.12 -15.26 3.04
P FMN J . 0.17 -16.20 2.87
O1P FMN J . 1.19 -15.79 3.89
O2P FMN J . 0.71 -16.04 1.47
O3P FMN J . -0.22 -17.64 3.11
N1 FMN K . -39.78 22.86 6.12
C2 FMN K . -39.04 22.86 4.94
O2 FMN K . -39.15 21.91 4.15
N3 FMN K . -38.21 23.92 4.63
C4 FMN K . -38.10 24.98 5.51
O4 FMN K . -37.45 25.99 5.19
C4A FMN K . -38.82 24.99 6.70
N5 FMN K . -38.71 26.05 7.57
C5A FMN K . -39.43 26.06 8.75
C6 FMN K . -39.32 27.13 9.64
C7 FMN K . -40.04 27.14 10.82
C7M FMN K . -40.01 28.35 11.71
C8 FMN K . -40.88 26.07 11.12
C8M FMN K . -41.88 26.22 12.23
C9 FMN K . -41.00 25.00 10.25
C9A FMN K . -40.28 24.99 9.06
N10 FMN K . -40.39 23.92 8.18
C10 FMN K . -39.67 23.92 6.99
C1' FMN K . -41.30 22.77 8.49
C2' FMN K . -40.55 21.71 9.30
O2' FMN K . -39.23 21.60 8.82
C3' FMN K . -41.29 20.38 9.21
O3' FMN K . -42.21 20.27 10.28
C4' FMN K . -40.35 19.16 9.21
O4' FMN K . -41.14 18.00 9.13
C5' FMN K . -39.49 19.08 10.47
O5' FMN K . -38.68 17.93 10.40
P FMN K . -38.04 17.32 11.75
O1P FMN K . -39.17 16.76 12.58
O2P FMN K . -37.33 18.40 12.53
O3P FMN K . -37.08 16.21 11.41
N1 FMN L . -21.33 -24.42 20.36
C2 FMN L . -21.86 -24.49 21.63
O2 FMN L . -23.01 -24.12 21.86
N3 FMN L . -21.09 -24.97 22.67
C4 FMN L . -19.80 -25.40 22.47
O4 FMN L . -19.37 -26.22 23.28
C4A FMN L . -19.26 -25.34 21.18
N5 FMN L . -17.96 -25.75 20.92
C5A FMN L . -17.45 -25.67 19.63
C6 FMN L . -16.15 -26.08 19.37
C7 FMN L . -15.64 -26.01 18.07
C7M FMN L . -14.16 -26.06 17.85
C8 FMN L . -16.44 -25.52 17.04
C8M FMN L . -15.97 -25.63 15.62
C9 FMN L . -17.74 -25.11 17.31
C9A FMN L . -18.24 -25.18 18.60
N10 FMN L . -19.53 -24.77 18.86
C10 FMN L . -20.04 -24.84 20.13
C1' FMN L . -20.47 -24.51 17.71
C2' FMN L . -20.37 -23.01 17.48
O2' FMN L . -20.72 -22.36 18.67
C3' FMN L . -21.24 -22.49 16.35
O3' FMN L . -20.87 -23.09 15.13
C4' FMN L . -20.99 -20.99 16.31
O4' FMN L . -21.76 -20.34 17.29
C5' FMN L . -21.32 -20.33 14.99
O5' FMN L . -21.51 -19.00 15.41
P FMN L . -20.44 -17.84 15.10
O1P FMN L . -20.32 -17.72 13.60
O2P FMN L . -19.13 -18.19 15.73
O3P FMN L . -20.93 -16.53 15.66
N1 FMN M . 10.45 30.79 -11.25
C2 FMN M . 11.30 30.77 -12.34
O2 FMN M . 11.27 29.84 -13.13
N3 FMN M . 12.17 31.83 -12.53
C4 FMN M . 12.20 32.89 -11.64
O4 FMN M . 13.06 33.76 -11.76
C4A FMN M . 11.34 32.90 -10.55
N5 FMN M . 11.37 33.95 -9.64
C5A FMN M . 10.51 33.95 -8.56
C6 FMN M . 10.52 35.00 -7.66
C7 FMN M . 9.67 35.01 -6.57
C7M FMN M . 9.99 35.92 -5.42
C8 FMN M . 8.79 33.95 -6.38
C8M FMN M . 7.89 33.92 -5.17
C9 FMN M . 8.77 32.89 -7.27
C9A FMN M . 9.63 32.89 -8.36
N10 FMN M . 9.61 31.84 -9.26
C10 FMN M . 10.46 31.84 -10.35
C1' FMN M . 8.56 30.78 -9.14
C2' FMN M . 9.08 29.61 -8.31
O2' FMN M . 10.40 29.31 -8.71
C3' FMN M . 8.16 28.41 -8.47
O3' FMN M . 7.15 28.47 -7.49
C4' FMN M . 8.90 27.07 -8.36
O4' FMN M . 8.03 26.04 -8.77
C5' FMN M . 9.38 26.79 -6.94
O5' FMN M . 9.94 25.50 -6.87
P FMN M . 10.41 24.84 -5.47
O1P FMN M . 9.19 24.41 -4.69
O2P FMN M . 11.19 25.85 -4.66
O3P FMN M . 11.28 23.65 -5.76
N1 FMN N . 2.78 35.39 35.49
C2 FMN N . 3.61 35.34 34.37
O2 FMN N . 3.54 34.40 33.58
N3 FMN N . 4.53 36.34 34.16
C4 FMN N . 4.62 37.40 35.04
O4 FMN N . 5.50 38.26 34.91
C4A FMN N . 3.79 37.45 36.16
N5 FMN N . 3.88 38.51 37.04
C5A FMN N . 3.05 38.56 38.15
C6 FMN N . 3.15 39.62 39.03
C7 FMN N . 2.32 39.68 40.14
C7M FMN N . 2.41 40.88 41.05
C8 FMN N . 1.39 38.68 40.38
C8M FMN N . 0.40 38.81 41.50
C9 FMN N . 1.29 37.62 39.49
C9A FMN N . 2.12 37.55 38.38
N10 FMN N . 2.03 36.49 37.49
C10 FMN N . 2.86 36.44 36.38
C1' FMN N . 0.95 35.47 37.67
C2' FMN N . 1.47 34.27 38.45
O2' FMN N . 2.76 33.94 38.00
C3' FMN N . 0.53 33.08 38.28
O3' FMN N . -0.45 33.13 39.29
C4' FMN N . 1.26 31.74 38.35
O4' FMN N . 0.36 30.71 38.00
C5' FMN N . 1.82 31.46 39.75
O5' FMN N . 2.40 30.18 39.81
P FMN N . 2.87 29.54 41.22
O1P FMN N . 1.66 29.05 41.97
O2P FMN N . 3.60 30.59 42.02
O3P FMN N . 3.79 28.38 40.95
N1 FMN O . -32.26 18.22 -40.39
C2 FMN O . -31.51 18.28 -41.55
O2 FMN O . -31.56 17.33 -42.35
N3 FMN O . -30.73 19.38 -41.83
C4 FMN O . -30.69 20.44 -40.93
O4 FMN O . -30.07 21.48 -41.20
C4A FMN O . -31.44 20.38 -39.76
N5 FMN O . -31.40 21.44 -38.86
C5A FMN O . -32.15 21.40 -37.71
C6 FMN O . -32.12 22.45 -36.80
C7 FMN O . -32.86 22.41 -35.63
C7M FMN O . -32.99 23.63 -34.77
C8 FMN O . -33.66 21.30 -35.36
C8M FMN O . -34.70 21.38 -34.29
C9 FMN O . -33.69 20.24 -36.27
C9A FMN O . -32.94 20.28 -37.44
N10 FMN O . -32.98 19.22 -38.33
C10 FMN O . -32.23 19.28 -39.50
C1' FMN O . -33.89 18.05 -38.07
C2' FMN O . -33.14 16.96 -37.31
O2' FMN O . -31.82 16.86 -37.79
C3' FMN O . -33.88 15.63 -37.46
O3' FMN O . -34.86 15.52 -36.45
C4' FMN O . -32.96 14.42 -37.41
O4' FMN O . -33.74 13.26 -37.53
C5' FMN O . -32.15 14.35 -36.12
O5' FMN O . -31.33 13.20 -36.14
P FMN O . -30.68 12.62 -34.77
O1P FMN O . -31.81 12.10 -33.91
O2P FMN O . -29.94 13.71 -34.04
O3P FMN O . -29.71 11.51 -35.08
N1 FMN P . 38.53 -5.60 -16.35
C2 FMN P . 37.26 -5.70 -16.87
O2 FMN P . 36.39 -6.31 -16.24
N3 FMN P . 36.95 -5.13 -18.10
C4 FMN P . 37.92 -4.45 -18.81
O4 FMN P . 37.57 -3.71 -19.74
C4A FMN P . 39.21 -4.34 -18.29
N5 FMN P . 40.19 -3.67 -19.00
C5A FMN P . 41.47 -3.56 -18.47
C6 FMN P . 42.46 -2.88 -19.17
C7 FMN P . 43.74 -2.79 -18.64
C7M FMN P . 44.86 -2.23 -19.48
C8 FMN P . 44.03 -3.35 -17.41
C8M FMN P . 45.23 -2.89 -16.64
C9 FMN P . 43.04 -4.04 -16.72
C9A FMN P . 41.76 -4.14 -17.25
N10 FMN P . 40.78 -4.82 -16.54
C10 FMN P . 39.51 -4.92 -17.06
C1' FMN P . 40.98 -5.10 -15.08
C2' FMN P . 41.52 -6.51 -14.91
O2' FMN P . 40.65 -7.40 -15.58
C3' FMN P . 41.60 -6.89 -13.43
O3' FMN P . 42.72 -6.26 -12.84
C4' FMN P . 41.70 -8.41 -13.27
O4' FMN P . 41.39 -8.74 -11.93
C5' FMN P . 43.08 -8.93 -13.63
O5' FMN P . 42.91 -10.25 -14.12
P FMN P . 43.98 -11.44 -13.85
O1P FMN P . 44.84 -11.10 -12.67
O2P FMN P . 44.80 -11.64 -15.10
O3P FMN P . 43.25 -12.71 -13.53
#